data_8CPD
#
_entry.id   8CPD
#
_cell.length_a   1.00
_cell.length_b   1.00
_cell.length_c   1.00
_cell.angle_alpha   90.00
_cell.angle_beta   90.00
_cell.angle_gamma   90.00
#
_symmetry.space_group_name_H-M   'P 1'
#
loop_
_entity.id
_entity.type
_entity.pdbx_description
1 polymer 'RAF proto-oncogene serine/threonine-protein kinase'
2 polymer '14-3-3 protein zeta isoform X1'
#
loop_
_entity_poly.entity_id
_entity_poly.type
_entity_poly.pdbx_seq_one_letter_code
_entity_poly.pdbx_strand_id
1 'polypeptide(L)'
;MEHIQGAWKTISNGFGFKDAVFDGSSCISPTIVQQFGYQRRASDDGKLTDPSKTSNTIRVFLPNKQRTVVNVRNGMSLHD
CLMKALKVRGLQPECCAVFRLLHEHKGKKARLDWNTDAASLIGEELQVDFLDHVPLTTHNFARKTFLKLAFCDICQKFLL
NGFRCQTCGYKFHEHCSTKVPTMCVDWSNIRQLLLFPNSTIGDSGVPALPSLTMRRMRESVSRMPVSSQHRYSTPHAFTF
NTSSPSSEGSLSQRQRSTSTPNVHMVSTTLPVDSRMIEDAIRSHSESASPSALSSSPNNLSPTGWSQPKTPVPAQRERAP
VSGTQEKNKIRPRGQRDSSYDWEIEASEVMLSTRIGSGSFGTVYKGKWHGDVAVKILKVVDPTPEQFQAFRNEVAVLRKT
RHVNILLFMGYMTKDNLAIVTQWCEGSSLYKHLHVQETKFQMFQLIDIARQTAQGMDYLHAKNIIHRDMKSNNIFLHEGL
TVKIGDFGLATVKSRWSGSQQVEQPTGSVLWMAPEVIRMQDNNPFSFQSDVYSYGIVLYELMTGELPYSHINNRDQIIFM
VGRGYASPDLSKLYKNCPKAMKRLVADCVKKVKEERPLFPQILSSIELLQHSLPKINRSA(SEP)EPSLHRAAHTEDINA
CTLTTSPRLPVF
;
A,B
2 'polypeptide(L)'
;MSVDKEELVQRAKLAEQAERYDDMAAAMKEVTETGVELSNEERNLLSVAYKNVVGARRSSWRVISSIEQKTEGSERKQQM
AKEYRVKVEKELREICYDVLGLLDKHLIPKASNPESKVFYLKMKGDYYRYLAEVATGETRNSVVEDSQKAYQDAFEISKA
KMQPTHPIRLGLALNFSVFYYEILNSPDKACQLAKQAFDDAIAELDTLNEDSYKDSTLIMQLLRDNLTLWTSDTQGDGDE
PAEGGDN
;
C,D
#
# COMPACT_ATOMS: atom_id res chain seq x y z
N ASP A 341 19.13 -4.34 34.71
CA ASP A 341 18.00 -5.00 34.05
C ASP A 341 17.51 -4.16 32.87
N TRP A 342 16.30 -3.62 33.01
CA TRP A 342 15.72 -2.73 32.01
C TRP A 342 15.96 -1.27 32.34
N GLU A 343 16.76 -0.99 33.36
CA GLU A 343 17.10 0.39 33.73
C GLU A 343 18.05 0.96 32.70
N ILE A 344 17.74 2.16 32.20
CA ILE A 344 18.48 2.79 31.12
C ILE A 344 19.03 4.12 31.62
N GLU A 345 20.32 4.34 31.42
CA GLU A 345 20.98 5.55 31.90
C GLU A 345 20.31 6.79 31.29
N ALA A 346 20.08 7.78 32.14
CA ALA A 346 19.36 8.98 31.72
C ALA A 346 20.17 9.83 30.76
N SER A 347 21.50 9.70 30.74
CA SER A 347 22.32 10.52 29.85
C SER A 347 22.13 10.10 28.40
N GLU A 348 21.87 8.83 28.14
CA GLU A 348 21.74 8.32 26.78
C GLU A 348 20.26 8.27 26.38
N VAL A 349 19.67 9.46 26.27
CA VAL A 349 18.29 9.58 25.81
C VAL A 349 18.10 11.00 25.29
N MET A 350 17.15 11.16 24.37
CA MET A 350 16.85 12.45 23.76
C MET A 350 15.34 12.63 23.71
N LEU A 351 14.89 13.83 24.03
CA LEU A 351 13.46 14.16 24.11
C LEU A 351 13.16 15.28 23.12
N SER A 352 12.63 14.91 21.95
CA SER A 352 12.46 15.87 20.86
C SER A 352 11.30 16.83 21.12
N THR A 353 10.09 16.30 21.24
CA THR A 353 8.89 17.13 21.30
C THR A 353 7.97 16.65 22.41
N ARG A 354 7.14 17.58 22.90
CA ARG A 354 6.11 17.28 23.90
C ARG A 354 4.78 17.13 23.17
N ILE A 355 4.50 15.91 22.72
CA ILE A 355 3.25 15.62 22.04
C ILE A 355 2.50 14.53 22.77
N GLY A 356 2.65 14.49 24.10
CA GLY A 356 1.93 13.52 24.90
C GLY A 356 1.97 13.84 26.39
N THR A 362 4.32 14.67 29.87
CA THR A 362 4.05 13.28 30.18
C THR A 362 4.78 12.40 29.16
N VAL A 363 4.15 12.17 28.02
CA VAL A 363 4.76 11.39 26.94
C VAL A 363 5.61 12.32 26.09
N TYR A 364 6.88 11.94 25.89
CA TYR A 364 7.84 12.78 25.19
C TYR A 364 8.39 12.01 24.00
N LYS A 365 8.06 12.47 22.80
CA LYS A 365 8.65 11.90 21.59
C LYS A 365 10.15 12.19 21.56
N GLY A 366 10.92 11.18 21.20
CA GLY A 366 12.36 11.35 21.15
C GLY A 366 13.01 10.20 20.42
N LYS A 367 14.31 10.05 20.66
CA LYS A 367 15.07 8.97 20.05
C LYS A 367 15.90 8.26 21.12
N TRP A 368 15.98 6.94 21.01
CA TRP A 368 16.80 6.12 21.90
C TRP A 368 17.20 4.87 21.11
N HIS A 369 18.40 4.90 20.53
CA HIS A 369 18.83 3.92 19.54
C HIS A 369 17.75 3.71 18.48
N GLY A 370 16.98 4.75 18.22
CA GLY A 370 15.80 4.67 17.38
C GLY A 370 14.69 5.51 17.97
N ASP A 371 13.70 5.82 17.13
CA ASP A 371 12.57 6.63 17.56
C ASP A 371 11.75 5.86 18.59
N VAL A 372 11.61 6.43 19.78
CA VAL A 372 10.90 5.80 20.88
C VAL A 372 9.90 6.80 21.46
N ALA A 373 9.17 6.37 22.48
CA ALA A 373 8.26 7.22 23.22
C ALA A 373 8.60 7.10 24.70
N VAL A 374 8.86 8.23 25.34
CA VAL A 374 9.25 8.29 26.74
C VAL A 374 8.14 8.99 27.51
N LYS A 375 7.59 8.32 28.51
CA LYS A 375 6.48 8.87 29.29
C LYS A 375 7.03 9.35 30.63
N ILE A 376 7.49 10.62 30.64
CA ILE A 376 8.02 11.20 31.87
C ILE A 376 6.90 11.30 32.91
N LEU A 377 7.28 11.24 34.19
CA LEU A 377 6.28 11.19 35.24
C LEU A 377 5.43 12.46 35.28
N LYS A 378 6.07 13.61 35.06
CA LYS A 378 5.51 14.97 35.02
C LYS A 378 5.41 15.62 36.41
N VAL A 379 5.77 14.92 37.49
CA VAL A 379 5.87 15.51 38.81
C VAL A 379 7.28 15.29 39.32
N VAL A 380 7.91 16.36 39.82
CA VAL A 380 9.31 16.30 40.20
C VAL A 380 9.53 15.33 41.36
N ASP A 381 8.63 15.37 42.35
CA ASP A 381 8.77 14.49 43.54
C ASP A 381 7.80 13.32 43.43
N PRO A 382 8.28 12.06 43.45
CA PRO A 382 7.40 10.89 43.41
C PRO A 382 6.99 10.41 44.80
N THR A 383 5.80 10.80 45.27
CA THR A 383 5.32 10.34 46.55
C THR A 383 5.40 8.81 46.58
N PRO A 384 5.47 8.19 47.78
CA PRO A 384 5.55 6.72 47.83
C PRO A 384 4.46 6.01 47.05
N GLU A 385 3.23 6.54 47.07
CA GLU A 385 2.16 5.93 46.29
C GLU A 385 2.42 6.05 44.80
N GLN A 386 2.94 7.20 44.35
CA GLN A 386 3.27 7.36 42.94
C GLN A 386 4.38 6.41 42.52
N PHE A 387 5.39 6.24 43.37
CA PHE A 387 6.44 5.28 43.08
C PHE A 387 5.90 3.87 43.03
N GLN A 388 4.98 3.53 43.95
CA GLN A 388 4.34 2.21 43.93
C GLN A 388 3.59 1.98 42.64
N ALA A 389 2.83 3.00 42.19
CA ALA A 389 2.11 2.88 40.93
C ALA A 389 3.07 2.70 39.76
N PHE A 390 4.23 3.36 39.81
CA PHE A 390 5.16 3.26 38.64
C PHE A 390 5.85 1.88 38.67
N ARG A 391 6.13 1.31 39.85
CA ARG A 391 6.69 -0.04 39.83
C ARG A 391 5.63 -1.07 39.44
N ASN A 392 4.36 -0.82 39.77
CA ASN A 392 3.29 -1.66 39.24
C ASN A 392 3.23 -1.58 37.72
N GLU A 393 3.37 -0.38 37.17
CA GLU A 393 3.42 -0.22 35.72
C GLU A 393 4.59 -0.97 35.12
N VAL A 394 5.76 -0.86 35.75
CA VAL A 394 6.94 -1.56 35.26
C VAL A 394 6.73 -3.07 35.29
N ALA A 395 6.20 -3.59 36.40
CA ALA A 395 5.98 -5.03 36.52
C ALA A 395 4.94 -5.52 35.52
N VAL A 396 3.89 -4.73 35.30
CA VAL A 396 2.85 -5.17 34.37
C VAL A 396 3.36 -5.12 32.94
N LEU A 397 4.23 -4.17 32.60
CA LEU A 397 4.79 -4.09 31.26
C LEU A 397 5.90 -5.10 31.02
N ARG A 398 6.61 -5.53 32.06
CA ARG A 398 7.74 -6.44 31.89
C ARG A 398 7.31 -7.84 31.51
N LYS A 399 6.02 -8.16 31.63
CA LYS A 399 5.53 -9.50 31.35
C LYS A 399 4.79 -9.60 30.02
N THR A 400 4.65 -8.51 29.28
CA THR A 400 3.95 -8.52 28.00
C THR A 400 4.96 -8.47 26.86
N ARG A 401 4.97 -9.50 26.03
CA ARG A 401 5.75 -9.49 24.79
C ARG A 401 4.86 -10.12 23.72
N HIS A 402 4.09 -9.29 23.03
CA HIS A 402 3.19 -9.74 21.98
C HIS A 402 3.27 -8.77 20.81
N VAL A 403 3.04 -9.32 19.60
CA VAL A 403 3.08 -8.50 18.39
C VAL A 403 1.87 -7.59 18.27
N ASN A 404 0.93 -7.66 19.21
CA ASN A 404 -0.24 -6.80 19.23
C ASN A 404 -0.26 -5.89 20.45
N ILE A 405 0.87 -5.76 21.13
CA ILE A 405 0.98 -4.95 22.35
C ILE A 405 2.14 -4.00 22.17
N LEU A 406 1.93 -2.73 22.52
CA LEU A 406 2.98 -1.74 22.41
C LEU A 406 4.22 -2.20 23.18
N LEU A 407 5.35 -2.23 22.49
CA LEU A 407 6.55 -2.84 23.04
C LEU A 407 7.11 -2.00 24.18
N PHE A 408 7.61 -2.69 25.20
CA PHE A 408 8.28 -2.04 26.33
C PHE A 408 9.78 -2.09 26.12
N MET A 409 10.43 -0.92 26.21
CA MET A 409 11.85 -0.81 25.92
C MET A 409 12.71 -0.68 27.17
N GLY A 410 12.19 -0.04 28.21
CA GLY A 410 12.94 0.15 29.43
C GLY A 410 12.37 1.29 30.24
N TYR A 411 12.93 1.47 31.43
CA TYR A 411 12.50 2.53 32.33
C TYR A 411 13.71 3.30 32.84
N MET A 412 13.58 4.62 32.91
CA MET A 412 14.61 5.49 33.44
C MET A 412 14.12 6.10 34.74
N THR A 413 14.91 5.94 35.81
CA THR A 413 14.51 6.35 37.16
C THR A 413 15.36 7.49 37.69
N LYS A 414 16.22 8.07 36.86
CA LYS A 414 17.21 9.05 37.31
C LYS A 414 16.65 10.45 37.09
N ASP A 415 16.37 11.16 38.19
CA ASP A 415 15.86 12.53 38.26
C ASP A 415 14.41 12.60 37.82
N ASN A 416 13.84 11.53 37.28
CA ASN A 416 12.44 11.46 36.88
C ASN A 416 12.13 10.01 36.56
N LEU A 417 10.84 9.69 36.57
CA LEU A 417 10.38 8.33 36.26
C LEU A 417 9.74 8.35 34.88
N ALA A 418 10.22 7.48 34.00
CA ALA A 418 9.67 7.37 32.65
C ALA A 418 9.87 5.96 32.13
N ILE A 419 8.90 5.49 31.35
CA ILE A 419 8.95 4.18 30.72
C ILE A 419 9.15 4.38 29.23
N VAL A 420 10.20 3.78 28.69
CA VAL A 420 10.50 3.89 27.28
C VAL A 420 9.70 2.82 26.53
N THR A 421 8.85 3.25 25.61
CA THR A 421 8.01 2.34 24.83
C THR A 421 8.23 2.57 23.35
N GLN A 422 7.81 1.59 22.56
CA GLN A 422 7.96 1.66 21.11
C GLN A 422 7.16 2.83 20.55
N TRP A 423 7.71 3.47 19.53
CA TRP A 423 7.04 4.55 18.83
C TRP A 423 6.38 3.99 17.56
N CYS A 424 5.09 4.21 17.42
CA CYS A 424 4.33 3.71 16.29
C CYS A 424 3.86 4.87 15.42
N GLU A 425 3.98 4.70 14.10
CA GLU A 425 3.58 5.73 13.14
C GLU A 425 2.21 5.34 12.60
N GLY A 426 1.18 5.86 13.25
CA GLY A 426 -0.18 5.58 12.83
C GLY A 426 -1.15 6.18 13.82
N SER A 427 -2.38 6.36 13.37
CA SER A 427 -3.40 6.95 14.22
C SER A 427 -3.79 5.98 15.33
N SER A 428 -4.46 6.52 16.34
CA SER A 428 -4.89 5.77 17.51
C SER A 428 -6.26 5.12 17.32
N LEU A 429 -6.79 5.13 16.10
CA LEU A 429 -8.06 4.52 15.73
C LEU A 429 -9.23 5.32 16.28
N TYR A 430 -9.01 6.27 17.10
CA TYR A 430 -10.14 7.14 17.51
C TYR A 430 -10.38 8.11 16.35
N LYS A 431 -9.24 8.62 15.74
CA LYS A 431 -9.42 9.45 14.56
C LYS A 431 -10.10 8.68 13.45
N HIS A 432 -9.61 7.48 13.15
CA HIS A 432 -10.18 6.68 12.07
C HIS A 432 -11.65 6.34 12.32
N LEU A 433 -12.07 6.34 13.58
CA LEU A 433 -13.45 6.01 13.91
C LEU A 433 -14.41 7.03 13.29
N HIS A 434 -14.36 8.27 13.75
CA HIS A 434 -15.24 9.31 13.22
C HIS A 434 -14.48 10.59 12.89
N VAL A 435 -13.38 10.85 13.58
CA VAL A 435 -12.66 12.10 13.38
C VAL A 435 -12.00 12.14 12.02
N GLN A 436 -11.28 11.07 11.66
CA GLN A 436 -10.67 10.98 10.34
C GLN A 436 -11.61 10.42 9.29
N GLU A 437 -12.55 9.56 9.70
CA GLU A 437 -13.57 8.99 8.81
C GLU A 437 -12.91 8.24 7.65
N THR A 438 -12.16 7.20 8.00
CA THR A 438 -11.42 6.44 7.00
C THR A 438 -12.31 5.49 6.21
N LYS A 439 -13.38 4.97 6.82
CA LYS A 439 -14.37 4.12 6.14
C LYS A 439 -13.71 2.87 5.56
N PHE A 440 -13.24 2.02 6.47
CA PHE A 440 -12.69 0.73 6.07
C PHE A 440 -13.77 -0.16 5.45
N GLN A 441 -13.33 -1.05 4.56
CA GLN A 441 -14.24 -2.03 4.00
C GLN A 441 -14.50 -3.16 5.01
N MET A 442 -15.53 -3.95 4.74
CA MET A 442 -15.95 -4.98 5.70
C MET A 442 -14.89 -6.05 5.90
N PHE A 443 -14.20 -6.45 4.83
CA PHE A 443 -13.19 -7.50 4.98
C PHE A 443 -11.99 -7.04 5.78
N GLN A 444 -11.65 -5.74 5.72
CA GLN A 444 -10.64 -5.17 6.59
C GLN A 444 -11.22 -4.76 7.93
N LEU A 445 -12.53 -4.88 8.10
CA LEU A 445 -13.24 -4.48 9.30
C LEU A 445 -13.36 -5.62 10.31
N ILE A 446 -12.88 -6.81 9.96
CA ILE A 446 -12.91 -7.97 10.84
C ILE A 446 -11.50 -8.23 11.36
N ASP A 447 -10.50 -7.93 10.52
CA ASP A 447 -9.11 -8.19 10.89
C ASP A 447 -8.71 -7.40 12.13
N ILE A 448 -9.18 -6.15 12.23
CA ILE A 448 -8.90 -5.34 13.42
C ILE A 448 -9.48 -6.01 14.67
N ALA A 449 -10.71 -6.50 14.56
CA ALA A 449 -11.34 -7.17 15.70
C ALA A 449 -10.58 -8.43 16.09
N ARG A 450 -10.17 -9.24 15.11
CA ARG A 450 -9.44 -10.46 15.43
C ARG A 450 -8.09 -10.16 16.07
N GLN A 451 -7.39 -9.13 15.57
CA GLN A 451 -6.10 -8.78 16.13
C GLN A 451 -6.24 -8.24 17.55
N THR A 452 -7.24 -7.40 17.81
CA THR A 452 -7.47 -6.92 19.17
C THR A 452 -7.81 -8.07 20.10
N ALA A 453 -8.64 -9.01 19.64
CA ALA A 453 -8.97 -10.17 20.45
C ALA A 453 -7.73 -11.01 20.74
N GLN A 454 -6.84 -11.12 19.77
CA GLN A 454 -5.60 -11.93 19.97
C GLN A 454 -4.70 -11.25 21.01
N GLY A 455 -4.53 -9.92 20.93
CA GLY A 455 -3.75 -9.23 21.93
C GLY A 455 -4.34 -9.37 23.32
N MET A 456 -5.66 -9.22 23.43
CA MET A 456 -6.30 -9.38 24.73
C MET A 456 -6.19 -10.81 25.22
N ASP A 457 -6.21 -11.78 24.31
CA ASP A 457 -5.99 -13.17 24.67
C ASP A 457 -4.64 -13.34 25.35
N TYR A 458 -3.59 -12.79 24.74
CA TYR A 458 -2.26 -12.89 25.36
C TYR A 458 -2.24 -12.21 26.72
N LEU A 459 -2.82 -11.02 26.80
CA LEU A 459 -2.84 -10.28 28.07
C LEU A 459 -3.51 -11.11 29.16
N HIS A 460 -4.67 -11.70 28.85
CA HIS A 460 -5.39 -12.47 29.86
C HIS A 460 -4.70 -13.79 30.18
N ALA A 461 -4.01 -14.38 29.20
CA ALA A 461 -3.30 -15.63 29.46
C ALA A 461 -2.12 -15.40 30.39
N LYS A 462 -1.45 -14.25 30.26
CA LYS A 462 -0.36 -13.92 31.17
C LYS A 462 -0.85 -13.30 32.47
N ASN A 463 -2.13 -13.47 32.81
CA ASN A 463 -2.74 -12.92 34.02
C ASN A 463 -2.61 -11.40 34.09
N ILE A 464 -2.78 -10.73 32.96
CA ILE A 464 -2.71 -9.28 32.88
C ILE A 464 -4.10 -8.76 32.52
N ILE A 465 -4.65 -7.91 33.38
CA ILE A 465 -5.92 -7.24 33.13
C ILE A 465 -5.63 -5.81 32.74
N HIS A 466 -5.95 -5.46 31.49
CA HIS A 466 -5.73 -4.08 31.05
C HIS A 466 -6.71 -3.11 31.69
N ARG A 467 -7.73 -3.61 32.37
CA ARG A 467 -8.75 -2.79 33.05
C ARG A 467 -9.45 -1.97 31.97
N ASP A 468 -9.64 -0.67 32.16
CA ASP A 468 -10.43 0.12 31.23
C ASP A 468 -9.62 0.35 29.95
N MET A 469 -10.31 0.32 28.81
CA MET A 469 -9.69 0.64 27.53
C MET A 469 -10.76 1.22 26.61
N LYS A 470 -10.33 2.05 25.69
CA LYS A 470 -11.22 2.70 24.74
C LYS A 470 -10.68 2.46 23.32
N SER A 471 -11.27 3.17 22.35
CA SER A 471 -10.80 3.10 20.98
C SER A 471 -9.46 3.80 20.78
N ASN A 472 -9.11 4.75 21.66
CA ASN A 472 -7.86 5.50 21.48
C ASN A 472 -6.64 4.64 21.81
N ASN A 473 -6.74 3.78 22.83
CA ASN A 473 -5.61 2.97 23.23
C ASN A 473 -5.27 1.90 22.20
N ILE A 474 -6.18 1.61 21.28
CA ILE A 474 -5.97 0.60 20.25
C ILE A 474 -5.31 1.28 19.06
N PHE A 475 -4.00 1.15 18.94
CA PHE A 475 -3.24 1.87 17.92
C PHE A 475 -3.24 1.07 16.62
N LEU A 476 -3.77 1.69 15.55
CA LEU A 476 -3.71 1.10 14.22
C LEU A 476 -2.41 1.53 13.55
N HIS A 477 -1.35 0.82 13.91
CA HIS A 477 -0.01 1.14 13.42
C HIS A 477 0.25 0.51 12.07
N GLU A 478 0.69 1.33 11.12
CA GLU A 478 1.21 0.90 9.82
C GLU A 478 0.07 0.18 9.07
N GLY A 479 0.35 -0.92 8.39
CA GLY A 479 -0.63 -1.60 7.55
C GLY A 479 -1.63 -2.43 8.32
N LEU A 480 -2.57 -1.74 8.98
CA LEU A 480 -3.74 -2.28 9.66
C LEU A 480 -3.37 -3.07 10.91
N THR A 481 -2.10 -3.24 11.25
CA THR A 481 -1.74 -3.97 12.46
C THR A 481 -2.20 -3.20 13.69
N VAL A 482 -2.68 -3.94 14.69
CA VAL A 482 -3.28 -3.36 15.89
C VAL A 482 -2.34 -3.56 17.06
N LYS A 483 -2.09 -2.48 17.80
CA LYS A 483 -1.23 -2.51 18.98
C LYS A 483 -2.01 -1.98 20.18
N ILE A 484 -1.95 -2.71 21.29
CA ILE A 484 -2.59 -2.26 22.52
C ILE A 484 -1.74 -1.17 23.17
N GLY A 485 -2.39 -0.13 23.67
CA GLY A 485 -1.69 1.05 24.14
C GLY A 485 -1.24 1.03 25.59
N ASP A 486 -1.57 2.10 26.31
CA ASP A 486 -1.04 2.32 27.65
C ASP A 486 -1.59 1.29 28.64
N PHE A 487 -0.80 1.04 29.68
CA PHE A 487 -1.16 0.13 30.76
C PHE A 487 -1.31 0.86 32.09
N GLY A 488 -1.76 2.12 32.03
CA GLY A 488 -1.83 2.93 33.23
C GLY A 488 -2.71 2.32 34.30
N LEU A 489 -3.83 1.73 33.90
CA LEU A 489 -4.74 1.08 34.84
C LEU A 489 -4.53 -0.42 34.94
N ALA A 490 -3.53 -0.96 34.25
CA ALA A 490 -3.32 -2.41 34.26
C ALA A 490 -2.78 -2.86 35.62
N THR A 491 -3.38 -3.93 36.16
CA THR A 491 -2.91 -4.54 37.40
C THR A 491 -3.02 -6.04 37.28
N VAL A 492 -1.98 -6.75 37.69
CA VAL A 492 -2.01 -8.22 37.73
C VAL A 492 -2.69 -8.64 39.03
N LYS A 493 -3.73 -9.47 38.92
CA LYS A 493 -4.47 -9.93 40.08
C LYS A 493 -3.63 -10.89 40.92
N THR A 506 -12.88 9.15 32.94
CA THR A 506 -13.99 9.92 33.50
C THR A 506 -14.58 10.87 32.47
N GLY A 507 -13.73 11.34 31.54
CA GLY A 507 -14.22 12.22 30.50
C GLY A 507 -15.21 11.54 29.58
N SER A 508 -14.95 10.28 29.23
CA SER A 508 -15.82 9.50 28.36
C SER A 508 -16.19 8.20 29.07
N VAL A 509 -17.49 7.95 29.20
CA VAL A 509 -18.01 6.75 29.83
C VAL A 509 -18.64 5.80 28.82
N LEU A 510 -18.42 6.05 27.52
CA LEU A 510 -19.07 5.26 26.49
C LEU A 510 -18.51 3.84 26.42
N TRP A 511 -17.23 3.66 26.75
CA TRP A 511 -16.57 2.38 26.51
C TRP A 511 -16.18 1.69 27.80
N MET A 512 -17.07 1.68 28.80
CA MET A 512 -16.68 1.23 30.13
C MET A 512 -17.91 0.67 30.85
N ALA A 513 -17.69 -0.42 31.59
CA ALA A 513 -18.78 -1.35 31.94
C ALA A 513 -19.67 -0.83 33.08
N PRO A 514 -20.97 -1.18 33.09
CA PRO A 514 -21.84 -0.74 34.19
C PRO A 514 -21.40 -1.28 35.55
N GLU A 515 -20.91 -2.51 35.60
CA GLU A 515 -20.36 -3.02 36.85
C GLU A 515 -19.16 -2.18 37.26
N VAL A 516 -18.34 -1.80 36.29
CA VAL A 516 -17.14 -1.01 36.58
C VAL A 516 -17.50 0.37 37.12
N ILE A 517 -18.59 0.98 36.65
CA ILE A 517 -19.01 2.21 37.32
C ILE A 517 -19.53 1.91 38.72
N ARG A 518 -20.26 0.82 38.88
CA ARG A 518 -20.86 0.51 40.19
C ARG A 518 -19.84 0.60 41.33
N MET A 519 -18.81 -0.25 41.30
CA MET A 519 -17.73 -0.19 42.31
C MET A 519 -18.28 0.05 43.72
N GLN A 520 -19.16 -0.85 44.16
CA GLN A 520 -19.65 -0.77 45.53
C GLN A 520 -18.50 -0.84 46.54
N ASP A 521 -17.51 -1.70 46.27
CA ASP A 521 -16.29 -1.74 47.05
C ASP A 521 -15.08 -1.26 46.26
N ASN A 522 -15.22 -1.05 44.95
CA ASN A 522 -14.16 -0.63 44.04
C ASN A 522 -12.94 -1.54 44.16
N ASN A 523 -13.12 -2.72 44.75
CA ASN A 523 -12.10 -3.76 44.79
C ASN A 523 -12.06 -4.64 43.54
N PRO A 524 -13.20 -5.19 43.07
CA PRO A 524 -13.12 -6.30 42.13
C PRO A 524 -12.94 -5.86 40.69
N PHE A 525 -12.15 -6.62 39.95
CA PHE A 525 -11.92 -6.33 38.53
C PHE A 525 -11.58 -7.66 37.86
N SER A 526 -12.56 -8.26 37.21
CA SER A 526 -12.43 -9.56 36.59
C SER A 526 -12.29 -9.43 35.08
N PHE A 527 -12.22 -10.58 34.39
CA PHE A 527 -11.98 -10.61 32.95
C PHE A 527 -13.19 -10.15 32.15
N GLN A 528 -14.40 -10.25 32.72
CA GLN A 528 -15.60 -9.86 31.97
C GLN A 528 -15.63 -8.36 31.70
N SER A 529 -14.98 -7.55 32.55
CA SER A 529 -14.85 -6.13 32.25
C SER A 529 -14.08 -5.92 30.95
N ASP A 530 -12.96 -6.63 30.80
CA ASP A 530 -12.20 -6.57 29.55
C ASP A 530 -13.01 -7.13 28.39
N VAL A 531 -13.89 -8.12 28.65
CA VAL A 531 -14.74 -8.61 27.52
C VAL A 531 -15.53 -7.44 26.94
N TYR A 532 -16.39 -6.81 27.75
CA TYR A 532 -17.25 -5.71 27.25
C TYR A 532 -16.36 -4.62 26.68
N SER A 533 -15.23 -4.36 27.33
CA SER A 533 -14.26 -3.38 26.77
C SER A 533 -13.97 -3.75 25.33
N TYR A 534 -13.69 -5.03 25.04
CA TYR A 534 -13.45 -5.47 23.67
C TYR A 534 -14.73 -5.47 22.84
N GLY A 535 -15.85 -5.87 23.44
CA GLY A 535 -17.09 -5.91 22.69
C GLY A 535 -17.58 -4.53 22.26
N ILE A 536 -17.44 -3.55 23.14
CA ILE A 536 -17.83 -2.19 22.80
C ILE A 536 -16.87 -1.61 21.77
N VAL A 537 -15.57 -1.91 21.90
CA VAL A 537 -14.64 -1.52 20.85
C VAL A 537 -15.04 -2.15 19.52
N LEU A 538 -15.60 -3.36 19.60
CA LEU A 538 -16.04 -4.09 18.36
C LEU A 538 -17.12 -3.32 17.61
N TYR A 539 -18.27 -3.06 18.25
CA TYR A 539 -19.38 -2.38 17.55
C TYR A 539 -18.90 -1.02 17.07
N GLU A 540 -18.17 -0.30 17.92
CA GLU A 540 -17.61 1.01 17.50
C GLU A 540 -16.88 0.79 16.17
N LEU A 541 -16.02 -0.22 16.11
CA LEU A 541 -15.26 -0.52 14.91
C LEU A 541 -16.19 -0.94 13.77
N MET A 542 -17.16 -1.80 14.08
CA MET A 542 -18.09 -2.30 13.07
C MET A 542 -18.95 -1.17 12.51
N THR A 543 -19.59 -0.40 13.37
CA THR A 543 -20.59 0.55 12.88
C THR A 543 -19.98 1.87 12.42
N GLY A 544 -18.73 2.16 12.81
CA GLY A 544 -18.14 3.43 12.46
C GLY A 544 -18.74 4.63 13.15
N GLU A 545 -19.65 4.42 14.10
CA GLU A 545 -20.34 5.50 14.80
C GLU A 545 -20.22 5.27 16.30
N LEU A 546 -20.87 6.14 17.07
CA LEU A 546 -20.81 6.13 18.52
C LEU A 546 -22.21 6.19 19.10
N PRO A 547 -22.61 5.23 19.94
CA PRO A 547 -23.90 5.34 20.63
C PRO A 547 -23.83 6.35 21.76
N TYR A 548 -25.00 6.71 22.26
CA TYR A 548 -25.17 7.77 23.26
C TYR A 548 -24.68 9.12 22.78
N SER A 549 -24.40 9.27 21.48
CA SER A 549 -23.95 10.53 20.90
C SER A 549 -25.10 11.36 20.36
N HIS A 550 -26.33 10.84 20.41
CA HIS A 550 -27.49 11.63 19.99
C HIS A 550 -27.80 12.75 20.97
N ILE A 551 -27.22 12.71 22.16
CA ILE A 551 -27.47 13.66 23.24
C ILE A 551 -26.13 14.02 23.88
N ASN A 552 -26.15 15.01 24.76
CA ASN A 552 -24.93 15.58 25.34
C ASN A 552 -25.06 15.69 26.86
N ASN A 553 -25.52 14.62 27.51
CA ASN A 553 -25.63 14.57 28.97
C ASN A 553 -24.92 13.31 29.48
N ARG A 554 -23.62 13.47 29.77
CA ARG A 554 -22.82 12.34 30.24
C ARG A 554 -23.37 11.76 31.53
N ASP A 555 -23.79 12.62 32.46
CA ASP A 555 -24.33 12.13 33.72
C ASP A 555 -25.58 11.30 33.50
N GLN A 556 -26.49 11.76 32.64
CA GLN A 556 -27.72 11.03 32.39
C GLN A 556 -27.44 9.70 31.70
N ILE A 557 -26.56 9.70 30.69
CA ILE A 557 -26.31 8.46 29.97
C ILE A 557 -25.60 7.45 30.86
N ILE A 558 -24.70 7.91 31.74
CA ILE A 558 -24.01 6.97 32.60
C ILE A 558 -24.89 6.52 33.75
N PHE A 559 -25.88 7.33 34.14
CA PHE A 559 -26.89 6.88 35.09
C PHE A 559 -27.78 5.81 34.48
N MET A 560 -28.21 5.99 33.24
CA MET A 560 -29.12 5.02 32.64
C MET A 560 -28.42 3.73 32.24
N VAL A 561 -27.16 3.80 31.80
CA VAL A 561 -26.46 2.58 31.43
C VAL A 561 -25.79 1.91 32.63
N GLY A 562 -25.41 2.69 33.64
CA GLY A 562 -24.74 2.11 34.80
C GLY A 562 -25.64 1.21 35.63
N ARG A 563 -26.90 1.61 35.79
CA ARG A 563 -27.83 0.92 36.67
C ARG A 563 -28.78 0.00 35.91
N GLY A 564 -28.51 -0.23 34.62
CA GLY A 564 -29.33 -1.13 33.83
C GLY A 564 -30.61 -0.55 33.27
N TYR A 565 -30.79 0.78 33.35
CA TYR A 565 -32.00 1.37 32.80
C TYR A 565 -32.05 1.25 31.28
N ALA A 566 -30.92 1.48 30.61
CA ALA A 566 -30.88 1.51 29.16
C ALA A 566 -29.71 0.69 28.65
N SER A 567 -29.73 0.42 27.35
CA SER A 567 -28.71 -0.38 26.68
C SER A 567 -28.25 0.36 25.43
N PRO A 568 -27.03 0.12 24.98
CA PRO A 568 -26.60 0.69 23.69
C PRO A 568 -27.43 0.13 22.56
N ASP A 569 -27.81 1.01 21.63
CA ASP A 569 -28.57 0.57 20.47
C ASP A 569 -27.67 -0.21 19.52
N LEU A 570 -28.19 -1.31 19.00
CA LEU A 570 -27.42 -2.18 18.11
C LEU A 570 -27.90 -2.09 16.67
N SER A 571 -29.01 -1.39 16.42
CA SER A 571 -29.60 -1.31 15.09
C SER A 571 -28.86 -0.35 14.16
N LYS A 572 -27.85 0.37 14.64
CA LYS A 572 -27.04 1.24 13.79
C LYS A 572 -26.00 0.46 12.99
N LEU A 573 -26.01 -0.86 13.06
CA LEU A 573 -24.95 -1.66 12.46
C LEU A 573 -25.27 -1.90 10.97
N TYR A 574 -24.25 -2.31 10.23
CA TYR A 574 -24.24 -2.20 8.78
C TYR A 574 -25.02 -3.31 8.10
N LYS A 575 -25.45 -3.04 6.86
CA LYS A 575 -26.26 -3.98 6.09
C LYS A 575 -25.45 -5.19 5.62
N ASN A 576 -24.17 -5.00 5.33
CA ASN A 576 -23.31 -6.07 4.84
C ASN A 576 -23.02 -7.12 5.91
N CYS A 577 -23.40 -6.84 7.16
CA CYS A 577 -23.03 -7.68 8.28
C CYS A 577 -23.66 -9.07 8.19
N PRO A 578 -22.92 -10.13 8.51
CA PRO A 578 -23.54 -11.44 8.69
C PRO A 578 -24.35 -11.50 9.98
N LYS A 579 -25.29 -12.44 10.02
CA LYS A 579 -26.10 -12.59 11.23
C LYS A 579 -25.25 -13.00 12.42
N ALA A 580 -24.14 -13.71 12.19
CA ALA A 580 -23.31 -14.17 13.31
C ALA A 580 -22.60 -13.01 14.01
N MET A 581 -22.20 -11.98 13.26
CA MET A 581 -21.53 -10.84 13.87
C MET A 581 -22.45 -10.11 14.83
N LYS A 582 -23.73 -9.95 14.45
CA LYS A 582 -24.69 -9.33 15.35
C LYS A 582 -24.87 -10.16 16.61
N ARG A 583 -24.92 -11.48 16.46
CA ARG A 583 -25.03 -12.36 17.63
C ARG A 583 -23.82 -12.20 18.55
N LEU A 584 -22.62 -12.13 17.95
CA LEU A 584 -21.41 -11.97 18.75
C LEU A 584 -21.43 -10.64 19.51
N VAL A 585 -21.82 -9.57 18.82
CA VAL A 585 -21.85 -8.26 19.47
C VAL A 585 -22.90 -8.25 20.59
N ALA A 586 -24.04 -8.90 20.36
CA ALA A 586 -25.06 -8.98 21.40
C ALA A 586 -24.56 -9.76 22.61
N ASP A 587 -23.87 -10.88 22.37
CA ASP A 587 -23.31 -11.65 23.48
C ASP A 587 -22.17 -10.91 24.16
N CYS A 588 -21.57 -9.93 23.48
CA CYS A 588 -20.56 -9.09 24.11
C CYS A 588 -21.21 -8.06 25.03
N VAL A 589 -22.14 -7.28 24.48
CA VAL A 589 -22.75 -6.16 25.21
C VAL A 589 -24.01 -6.70 25.89
N LYS A 590 -23.82 -7.22 27.10
CA LYS A 590 -24.92 -7.66 27.94
C LYS A 590 -24.86 -6.93 29.28
N LYS A 591 -26.03 -6.79 29.91
CA LYS A 591 -26.09 -6.14 31.22
C LYS A 591 -25.39 -6.97 32.29
N VAL A 592 -25.52 -8.29 32.22
CA VAL A 592 -25.08 -9.19 33.28
C VAL A 592 -23.83 -9.94 32.79
N LYS A 593 -22.78 -9.94 33.61
CA LYS A 593 -21.49 -10.52 33.23
C LYS A 593 -21.08 -11.67 34.16
N GLU A 594 -22.03 -12.47 34.64
CA GLU A 594 -21.63 -13.63 35.44
C GLU A 594 -20.85 -14.64 34.60
N GLU A 595 -21.31 -14.91 33.38
CA GLU A 595 -20.63 -15.84 32.48
C GLU A 595 -20.58 -15.23 31.08
N ARG A 596 -20.21 -13.96 31.03
CA ARG A 596 -19.94 -13.30 29.77
C ARG A 596 -18.82 -14.03 29.04
N PRO A 597 -18.99 -14.40 27.76
CA PRO A 597 -18.10 -15.39 27.16
C PRO A 597 -16.65 -14.92 26.99
N LEU A 598 -15.74 -15.78 27.43
CA LEU A 598 -14.35 -15.40 27.62
C LEU A 598 -13.63 -15.24 26.28
N PHE A 599 -12.43 -14.68 26.38
CA PHE A 599 -11.65 -14.27 25.22
C PHE A 599 -11.17 -15.42 24.33
N PRO A 600 -10.80 -16.59 24.87
CA PRO A 600 -10.49 -17.71 23.96
C PRO A 600 -11.63 -18.04 23.02
N GLN A 601 -12.85 -18.22 23.56
CA GLN A 601 -13.96 -18.57 22.68
C GLN A 601 -14.40 -17.40 21.82
N ILE A 602 -14.22 -16.16 22.28
CA ILE A 602 -14.56 -15.04 21.42
C ILE A 602 -13.60 -14.97 20.24
N LEU A 603 -12.32 -15.27 20.47
CA LEU A 603 -11.37 -15.30 19.36
C LEU A 603 -11.68 -16.45 18.41
N SER A 604 -12.08 -17.60 18.96
CA SER A 604 -12.48 -18.71 18.10
C SER A 604 -13.67 -18.34 17.21
N SER A 605 -14.68 -17.70 17.81
CA SER A 605 -15.85 -17.28 17.05
C SER A 605 -15.48 -16.26 15.97
N ILE A 606 -14.65 -15.28 16.32
CA ILE A 606 -14.28 -14.27 15.33
C ILE A 606 -13.44 -14.88 14.21
N GLU A 607 -12.60 -15.87 14.53
CA GLU A 607 -11.83 -16.54 13.48
C GLU A 607 -12.73 -17.33 12.54
N LEU A 608 -13.73 -18.04 13.10
CA LEU A 608 -14.66 -18.76 12.25
C LEU A 608 -15.44 -17.82 11.35
N LEU A 609 -15.91 -16.69 11.89
CA LEU A 609 -16.69 -15.76 11.10
C LEU A 609 -15.84 -15.07 10.05
N GLN A 610 -14.58 -14.77 10.37
CA GLN A 610 -13.66 -14.26 9.36
C GLN A 610 -13.46 -15.28 8.25
N HIS A 611 -13.37 -16.56 8.61
CA HIS A 611 -13.24 -17.60 7.59
C HIS A 611 -14.45 -17.64 6.67
N SER A 612 -15.66 -17.47 7.23
CA SER A 612 -16.87 -17.59 6.44
C SER A 612 -17.21 -16.34 5.63
N LEU A 613 -16.48 -15.23 5.83
CA LEU A 613 -16.82 -13.96 5.20
C LEU A 613 -16.37 -13.91 3.74
N PRO A 614 -17.12 -13.24 2.88
CA PRO A 614 -16.64 -12.93 1.53
C PRO A 614 -15.87 -11.63 1.49
N LYS A 615 -14.90 -11.57 0.57
CA LYS A 615 -13.95 -10.46 0.53
C LYS A 615 -14.06 -9.61 -0.73
N ILE A 616 -15.12 -9.77 -1.51
CA ILE A 616 -15.41 -8.87 -2.63
C ILE A 616 -16.88 -8.48 -2.57
N ASN A 617 -17.20 -7.32 -3.14
CA ASN A 617 -18.56 -6.83 -3.19
C ASN A 617 -19.27 -7.21 -4.49
N ARG A 618 -18.54 -7.41 -5.58
CA ARG A 618 -19.13 -7.71 -6.87
C ARG A 618 -18.42 -8.89 -7.50
N SER A 619 -19.18 -9.74 -8.18
CA SER A 619 -18.60 -10.93 -8.82
C SER A 619 -17.56 -10.53 -9.85
N ALA A 620 -16.40 -11.17 -9.79
CA ALA A 620 -15.29 -10.84 -10.66
C ALA A 620 -15.04 -11.92 -11.69
N SEP A 621 -14.97 -11.53 -12.95
CA SEP A 621 -14.73 -12.46 -14.05
CB SEP A 621 -15.35 -11.95 -15.34
OG SEP A 621 -14.85 -10.66 -15.66
C SEP A 621 -13.23 -12.70 -14.24
O SEP A 621 -12.44 -12.44 -13.34
P SEP A 621 -15.80 -9.95 -16.74
O1P SEP A 621 -16.03 -10.94 -17.98
O2P SEP A 621 -17.20 -9.58 -16.06
O3P SEP A 621 -15.08 -8.59 -17.25
N GLU A 622 -12.86 -13.19 -15.41
CA GLU A 622 -11.45 -13.42 -15.74
C GLU A 622 -10.70 -12.10 -15.90
N PRO A 623 -9.52 -12.00 -15.31
CA PRO A 623 -8.72 -10.78 -15.44
C PRO A 623 -8.15 -10.65 -16.85
N SER A 624 -7.62 -9.47 -17.13
CA SER A 624 -7.02 -9.22 -18.44
C SER A 624 -5.85 -10.16 -18.68
N LEU A 625 -5.84 -10.77 -19.87
CA LEU A 625 -4.77 -11.69 -20.23
C LEU A 625 -3.51 -10.92 -20.58
N HIS A 626 -2.36 -11.42 -20.10
CA HIS A 626 -1.09 -10.69 -20.34
C HIS A 626 -1.27 -9.22 -19.96
N VAL B 3 3.42 -10.00 -45.19
CA VAL B 3 4.65 -9.23 -45.06
C VAL B 3 4.42 -8.07 -44.08
N ASP B 4 3.19 -7.57 -44.02
CA ASP B 4 2.83 -6.51 -43.10
C ASP B 4 2.41 -7.02 -41.72
N LYS B 5 2.27 -8.33 -41.54
CA LYS B 5 1.76 -8.86 -40.29
C LYS B 5 2.65 -8.49 -39.11
N GLU B 6 3.97 -8.64 -39.28
CA GLU B 6 4.89 -8.27 -38.22
C GLU B 6 4.82 -6.78 -37.91
N GLU B 7 4.66 -5.95 -38.96
CA GLU B 7 4.55 -4.52 -38.74
C GLU B 7 3.30 -4.17 -37.92
N LEU B 8 2.15 -4.77 -38.26
CA LEU B 8 0.93 -4.50 -37.51
C LEU B 8 1.03 -5.02 -36.08
N VAL B 9 1.63 -6.20 -35.88
CA VAL B 9 1.76 -6.70 -34.52
C VAL B 9 2.72 -5.83 -33.70
N GLN B 10 3.76 -5.30 -34.35
CA GLN B 10 4.66 -4.39 -33.65
C GLN B 10 3.96 -3.09 -33.27
N ARG B 11 3.12 -2.56 -34.18
CA ARG B 11 2.36 -1.37 -33.85
C ARG B 11 1.39 -1.64 -32.71
N ALA B 12 0.77 -2.83 -32.70
CA ALA B 12 -0.13 -3.18 -31.60
C ALA B 12 0.62 -3.23 -30.27
N LYS B 13 1.80 -3.85 -30.26
CA LYS B 13 2.59 -3.90 -29.03
C LYS B 13 3.00 -2.51 -28.58
N LEU B 14 3.39 -1.65 -29.52
CA LEU B 14 3.76 -0.28 -29.18
C LEU B 14 2.57 0.48 -28.58
N ALA B 15 1.39 0.31 -29.17
CA ALA B 15 0.21 0.98 -28.65
C ALA B 15 -0.18 0.44 -27.28
N GLU B 16 0.02 -0.85 -27.03
CA GLU B 16 -0.20 -1.38 -25.69
C GLU B 16 0.75 -0.74 -24.69
N GLN B 17 2.03 -0.63 -25.06
CA GLN B 17 3.01 -0.04 -24.15
C GLN B 17 2.75 1.44 -23.93
N ALA B 18 2.14 2.11 -24.90
CA ALA B 18 1.89 3.55 -24.82
C ALA B 18 0.56 3.89 -24.16
N GLU B 19 -0.17 2.90 -23.65
CA GLU B 19 -1.42 3.08 -22.92
C GLU B 19 -2.55 3.60 -23.82
N ARG B 20 -2.41 3.51 -25.13
CA ARG B 20 -3.46 3.87 -26.07
C ARG B 20 -4.00 2.58 -26.68
N TYR B 21 -5.11 2.09 -26.11
CA TYR B 21 -5.63 0.78 -26.48
C TYR B 21 -6.39 0.81 -27.81
N ASP B 22 -6.94 1.96 -28.20
CA ASP B 22 -7.72 2.04 -29.42
C ASP B 22 -6.87 1.73 -30.65
N ASP B 23 -5.66 2.28 -30.70
CA ASP B 23 -4.78 2.03 -31.85
C ASP B 23 -4.39 0.56 -31.92
N MET B 24 -4.09 -0.05 -30.77
CA MET B 24 -3.74 -1.47 -30.78
C MET B 24 -4.94 -2.32 -31.20
N ALA B 25 -6.15 -1.93 -30.78
CA ALA B 25 -7.34 -2.64 -31.22
C ALA B 25 -7.53 -2.54 -32.72
N ALA B 26 -7.31 -1.36 -33.29
CA ALA B 26 -7.43 -1.20 -34.73
C ALA B 26 -6.40 -2.03 -35.48
N ALA B 27 -5.15 -2.02 -35.00
CA ALA B 27 -4.11 -2.84 -35.62
C ALA B 27 -4.47 -4.32 -35.53
N MET B 28 -5.00 -4.74 -34.38
CA MET B 28 -5.44 -6.12 -34.21
C MET B 28 -6.51 -6.46 -35.22
N LYS B 29 -7.46 -5.54 -35.42
CA LYS B 29 -8.53 -5.75 -36.38
C LYS B 29 -7.98 -5.95 -37.78
N GLU B 30 -7.02 -5.12 -38.19
CA GLU B 30 -6.42 -5.28 -39.51
C GLU B 30 -5.69 -6.62 -39.62
N VAL B 31 -4.97 -7.00 -38.57
CA VAL B 31 -4.11 -8.18 -38.66
C VAL B 31 -4.95 -9.44 -38.76
N THR B 32 -6.16 -9.43 -38.18
CA THR B 32 -7.06 -10.55 -38.42
C THR B 32 -7.80 -10.44 -39.75
N GLU B 33 -8.20 -9.23 -40.14
CA GLU B 33 -8.93 -9.06 -41.39
C GLU B 33 -8.07 -9.42 -42.60
N THR B 34 -6.75 -9.47 -42.44
CA THR B 34 -5.91 -9.88 -43.56
C THR B 34 -6.27 -11.29 -44.04
N GLY B 35 -6.52 -12.21 -43.12
CA GLY B 35 -7.00 -13.53 -43.50
C GLY B 35 -6.03 -14.69 -43.41
N VAL B 36 -5.22 -14.75 -42.35
CA VAL B 36 -4.39 -15.92 -42.08
C VAL B 36 -4.62 -16.37 -40.64
N GLU B 37 -4.12 -17.57 -40.34
CA GLU B 37 -4.29 -18.14 -39.01
C GLU B 37 -3.49 -17.36 -37.98
N LEU B 38 -4.09 -17.14 -36.82
CA LEU B 38 -3.46 -16.37 -35.75
C LEU B 38 -2.79 -17.28 -34.74
N SER B 39 -1.73 -16.76 -34.12
CA SER B 39 -1.00 -17.49 -33.09
C SER B 39 -1.46 -17.01 -31.71
N ASN B 40 -0.90 -17.65 -30.67
CA ASN B 40 -1.33 -17.35 -29.30
C ASN B 40 -1.01 -15.90 -28.93
N GLU B 41 0.16 -15.40 -29.32
CA GLU B 41 0.55 -14.05 -28.93
C GLU B 41 -0.40 -13.01 -29.50
N GLU B 42 -0.64 -13.05 -30.81
CA GLU B 42 -1.53 -12.07 -31.42
C GLU B 42 -2.97 -12.27 -30.98
N ARG B 43 -3.38 -13.51 -30.74
CA ARG B 43 -4.72 -13.75 -30.23
C ARG B 43 -4.91 -13.12 -28.85
N ASN B 44 -3.93 -13.29 -27.96
CA ASN B 44 -4.00 -12.67 -26.64
C ASN B 44 -3.91 -11.15 -26.74
N LEU B 45 -3.16 -10.63 -27.70
CA LEU B 45 -3.09 -9.18 -27.89
C LEU B 45 -4.46 -8.63 -28.29
N LEU B 46 -5.14 -9.31 -29.20
CA LEU B 46 -6.52 -8.94 -29.53
C LEU B 46 -7.41 -8.98 -28.31
N SER B 47 -7.33 -10.08 -27.55
CA SER B 47 -8.22 -10.23 -26.40
C SER B 47 -8.00 -9.12 -25.39
N VAL B 48 -6.75 -8.81 -25.09
CA VAL B 48 -6.46 -7.79 -24.07
C VAL B 48 -6.85 -6.41 -24.58
N ALA B 49 -6.63 -6.11 -25.86
CA ALA B 49 -6.99 -4.80 -26.38
C ALA B 49 -8.50 -4.58 -26.32
N TYR B 50 -9.26 -5.52 -26.87
CA TYR B 50 -10.71 -5.36 -26.88
C TYR B 50 -11.27 -5.38 -25.46
N LYS B 51 -10.72 -6.24 -24.59
CA LYS B 51 -11.16 -6.27 -23.21
C LYS B 51 -10.92 -4.94 -22.52
N ASN B 52 -9.75 -4.33 -22.75
CA ASN B 52 -9.45 -3.06 -22.10
C ASN B 52 -10.41 -1.97 -22.54
N VAL B 53 -10.62 -1.84 -23.85
CA VAL B 53 -11.49 -0.75 -24.31
C VAL B 53 -12.93 -0.97 -23.84
N VAL B 54 -13.44 -2.21 -23.95
CA VAL B 54 -14.81 -2.48 -23.52
C VAL B 54 -14.94 -2.31 -22.02
N GLY B 55 -13.90 -2.66 -21.26
CA GLY B 55 -13.97 -2.49 -19.82
C GLY B 55 -13.98 -1.02 -19.41
N ALA B 56 -13.21 -0.18 -20.09
CA ALA B 56 -13.27 1.25 -19.82
C ALA B 56 -14.68 1.79 -20.08
N ARG B 57 -15.25 1.42 -21.23
CA ARG B 57 -16.61 1.86 -21.53
C ARG B 57 -17.61 1.36 -20.49
N ARG B 58 -17.46 0.11 -20.05
CA ARG B 58 -18.40 -0.47 -19.10
C ARG B 58 -18.30 0.19 -17.73
N SER B 59 -17.07 0.48 -17.28
CA SER B 59 -16.91 1.18 -16.00
C SER B 59 -17.54 2.57 -16.07
N SER B 60 -17.33 3.27 -17.20
CA SER B 60 -17.96 4.57 -17.36
C SER B 60 -19.48 4.45 -17.30
N TRP B 61 -20.04 3.43 -17.98
CA TRP B 61 -21.49 3.25 -17.96
C TRP B 61 -21.99 2.94 -16.55
N ARG B 62 -21.25 2.13 -15.80
CA ARG B 62 -21.66 1.80 -14.44
C ARG B 62 -21.72 3.05 -13.58
N VAL B 63 -20.69 3.89 -13.65
CA VAL B 63 -20.71 5.13 -12.86
C VAL B 63 -21.84 6.04 -13.32
N ILE B 64 -22.08 6.10 -14.63
CA ILE B 64 -23.15 6.96 -15.15
C ILE B 64 -24.50 6.50 -14.60
N SER B 65 -24.74 5.19 -14.61
CA SER B 65 -26.00 4.66 -14.09
C SER B 65 -26.13 4.90 -12.59
N SER B 66 -25.04 4.75 -11.85
CA SER B 66 -25.09 4.99 -10.41
C SER B 66 -25.44 6.44 -10.11
N ILE B 67 -24.86 7.38 -10.86
CA ILE B 67 -25.23 8.79 -10.68
C ILE B 67 -26.68 9.03 -11.09
N GLU B 68 -27.12 8.37 -12.17
CA GLU B 68 -28.48 8.55 -12.65
C GLU B 68 -29.51 8.07 -11.64
N GLN B 69 -29.17 7.03 -10.87
CA GLN B 69 -30.12 6.46 -9.91
C GLN B 69 -30.64 7.52 -8.95
N LYS B 70 -29.77 8.39 -8.45
CA LYS B 70 -30.20 9.45 -7.57
C LYS B 70 -30.95 10.53 -8.35
N THR B 71 -31.80 11.26 -7.63
CA THR B 71 -32.58 12.34 -8.23
C THR B 71 -31.75 13.62 -8.32
N GLU B 75 -34.07 18.98 -11.62
CA GLU B 75 -34.70 17.73 -12.05
C GLU B 75 -34.23 17.34 -13.44
N ARG B 76 -33.64 18.29 -14.16
CA ARG B 76 -33.11 18.02 -15.49
C ARG B 76 -31.88 17.12 -15.43
N LYS B 77 -31.28 16.96 -14.25
CA LYS B 77 -30.19 16.01 -14.08
C LYS B 77 -30.60 14.62 -14.52
N GLN B 78 -31.86 14.23 -14.29
CA GLN B 78 -32.29 12.88 -14.61
C GLN B 78 -32.22 12.62 -16.11
N GLN B 79 -32.82 13.50 -16.92
CA GLN B 79 -32.78 13.29 -18.36
C GLN B 79 -31.38 13.54 -18.93
N MET B 80 -30.60 14.43 -18.32
CA MET B 80 -29.21 14.58 -18.75
C MET B 80 -28.43 13.29 -18.56
N ALA B 81 -28.57 12.66 -17.39
CA ALA B 81 -27.90 11.39 -17.15
C ALA B 81 -28.45 10.29 -18.05
N LYS B 82 -29.74 10.32 -18.35
CA LYS B 82 -30.31 9.36 -19.29
C LYS B 82 -29.66 9.50 -20.66
N GLU B 83 -29.50 10.73 -21.14
CA GLU B 83 -28.87 10.95 -22.44
C GLU B 83 -27.42 10.51 -22.43
N TYR B 84 -26.70 10.80 -21.35
CA TYR B 84 -25.31 10.36 -21.25
C TYR B 84 -25.21 8.84 -21.25
N ARG B 85 -26.10 8.18 -20.50
CA ARG B 85 -26.11 6.72 -20.50
C ARG B 85 -26.43 6.18 -21.89
N VAL B 86 -27.33 6.84 -22.61
CA VAL B 86 -27.65 6.40 -23.97
C VAL B 86 -26.43 6.52 -24.87
N LYS B 87 -25.66 7.60 -24.73
CA LYS B 87 -24.45 7.76 -25.54
C LYS B 87 -23.43 6.68 -25.23
N VAL B 88 -23.19 6.42 -23.94
CA VAL B 88 -22.25 5.37 -23.56
C VAL B 88 -22.75 4.01 -24.04
N GLU B 89 -24.07 3.80 -23.99
CA GLU B 89 -24.64 2.57 -24.53
C GLU B 89 -24.38 2.44 -26.01
N LYS B 90 -24.51 3.54 -26.75
CA LYS B 90 -24.23 3.50 -28.18
C LYS B 90 -22.78 3.09 -28.44
N GLU B 91 -21.84 3.69 -27.72
CA GLU B 91 -20.43 3.33 -27.90
C GLU B 91 -20.18 1.86 -27.55
N LEU B 92 -20.75 1.40 -26.43
CA LEU B 92 -20.56 0.02 -26.01
C LEU B 92 -21.14 -0.95 -27.03
N ARG B 93 -22.34 -0.66 -27.53
CA ARG B 93 -22.95 -1.51 -28.55
C ARG B 93 -22.11 -1.53 -29.81
N GLU B 94 -21.57 -0.37 -30.21
CA GLU B 94 -20.76 -0.33 -31.42
C GLU B 94 -19.53 -1.23 -31.28
N ILE B 95 -18.80 -1.12 -30.17
CA ILE B 95 -17.59 -1.92 -30.04
C ILE B 95 -17.93 -3.40 -29.89
N CYS B 96 -19.00 -3.72 -29.15
CA CYS B 96 -19.38 -5.11 -28.98
C CYS B 96 -19.79 -5.74 -30.31
N TYR B 97 -20.63 -5.05 -31.09
CA TYR B 97 -21.03 -5.59 -32.38
C TYR B 97 -19.86 -5.69 -33.34
N ASP B 98 -18.91 -4.76 -33.26
CA ASP B 98 -17.71 -4.86 -34.07
C ASP B 98 -16.97 -6.16 -33.77
N VAL B 99 -16.71 -6.43 -32.49
CA VAL B 99 -15.90 -7.60 -32.17
C VAL B 99 -16.68 -8.90 -32.47
N LEU B 100 -17.99 -8.91 -32.21
CA LEU B 100 -18.77 -10.09 -32.56
C LEU B 100 -18.79 -10.34 -34.07
N GLY B 101 -18.96 -9.29 -34.87
CA GLY B 101 -18.97 -9.47 -36.31
C GLY B 101 -17.64 -10.02 -36.81
N LEU B 102 -16.54 -9.46 -36.29
CA LEU B 102 -15.23 -9.99 -36.66
C LEU B 102 -15.11 -11.47 -36.26
N LEU B 103 -15.57 -11.81 -35.06
CA LEU B 103 -15.47 -13.18 -34.58
C LEU B 103 -16.27 -14.15 -35.45
N ASP B 104 -17.50 -13.78 -35.82
CA ASP B 104 -18.29 -14.65 -36.68
C ASP B 104 -17.69 -14.78 -38.07
N LYS B 105 -17.15 -13.68 -38.62
CA LYS B 105 -16.77 -13.71 -40.02
C LYS B 105 -15.39 -14.31 -40.26
N HIS B 106 -14.38 -13.88 -39.51
CA HIS B 106 -13.01 -14.25 -39.84
C HIS B 106 -12.38 -15.24 -38.87
N LEU B 107 -12.76 -15.22 -37.60
CA LEU B 107 -11.99 -16.04 -36.61
C LEU B 107 -12.53 -17.46 -36.40
N ILE B 108 -13.69 -17.61 -35.77
CA ILE B 108 -14.17 -18.97 -35.40
C ILE B 108 -14.27 -19.86 -36.64
N PRO B 109 -14.80 -19.41 -37.80
CA PRO B 109 -14.94 -20.29 -38.96
C PRO B 109 -13.59 -20.90 -39.37
N LYS B 110 -12.53 -20.11 -39.38
CA LYS B 110 -11.21 -20.61 -39.85
C LYS B 110 -10.43 -21.28 -38.71
N ALA B 111 -10.94 -21.21 -37.47
CA ALA B 111 -10.19 -21.78 -36.33
C ALA B 111 -9.96 -23.27 -36.59
N SER B 112 -8.75 -23.79 -36.30
CA SER B 112 -8.45 -25.20 -36.64
C SER B 112 -8.19 -26.06 -35.40
N ASN B 113 -7.79 -25.47 -34.27
CA ASN B 113 -7.42 -26.29 -33.09
C ASN B 113 -8.48 -26.14 -31.98
N PRO B 114 -8.97 -27.25 -31.39
CA PRO B 114 -9.95 -27.17 -30.31
C PRO B 114 -9.61 -26.00 -29.38
N GLU B 115 -8.32 -25.81 -29.08
CA GLU B 115 -7.94 -24.73 -28.16
C GLU B 115 -8.36 -23.38 -28.73
N SER B 116 -8.10 -23.16 -30.02
CA SER B 116 -8.56 -21.93 -30.66
C SER B 116 -10.08 -21.85 -30.65
N LYS B 117 -10.76 -22.94 -30.99
CA LYS B 117 -12.22 -22.91 -31.06
C LYS B 117 -12.83 -22.54 -29.72
N VAL B 118 -12.33 -23.15 -28.64
CA VAL B 118 -12.88 -22.85 -27.33
C VAL B 118 -12.57 -21.42 -26.92
N PHE B 119 -11.37 -20.92 -27.27
CA PHE B 119 -11.08 -19.53 -26.93
C PHE B 119 -12.00 -18.56 -27.66
N TYR B 120 -12.19 -18.73 -28.98
CA TYR B 120 -13.00 -17.77 -29.71
C TYR B 120 -14.47 -17.87 -29.31
N LEU B 121 -14.96 -19.10 -29.07
CA LEU B 121 -16.34 -19.24 -28.60
C LEU B 121 -16.53 -18.57 -27.24
N LYS B 122 -15.53 -18.72 -26.36
CA LYS B 122 -15.59 -18.05 -25.06
C LYS B 122 -15.63 -16.54 -25.22
N MET B 123 -14.82 -16.00 -26.13
CA MET B 123 -14.81 -14.56 -26.36
C MET B 123 -16.17 -14.08 -26.90
N LYS B 124 -16.76 -14.85 -27.82
CA LYS B 124 -18.07 -14.52 -28.36
C LYS B 124 -19.12 -14.48 -27.26
N GLY B 125 -19.15 -15.52 -26.43
CA GLY B 125 -20.09 -15.54 -25.32
C GLY B 125 -19.86 -14.40 -24.35
N ASP B 126 -18.59 -14.08 -24.11
CA ASP B 126 -18.26 -12.94 -23.24
C ASP B 126 -18.89 -11.67 -23.77
N TYR B 127 -18.63 -11.34 -25.03
CA TYR B 127 -19.08 -10.04 -25.53
C TYR B 127 -20.60 -10.00 -25.69
N TYR B 128 -21.23 -11.15 -25.95
CA TYR B 128 -22.68 -11.19 -25.86
C TYR B 128 -23.16 -10.93 -24.44
N ARG B 129 -22.40 -11.40 -23.44
CA ARG B 129 -22.73 -11.07 -22.06
C ARG B 129 -22.60 -9.58 -21.78
N TYR B 130 -21.54 -8.96 -22.31
CA TYR B 130 -21.39 -7.51 -22.13
C TYR B 130 -22.55 -6.76 -22.76
N LEU B 131 -23.01 -7.22 -23.94
CA LEU B 131 -24.19 -6.63 -24.56
C LEU B 131 -25.43 -6.83 -23.68
N ALA B 132 -25.59 -8.03 -23.13
CA ALA B 132 -26.77 -8.32 -22.31
C ALA B 132 -26.77 -7.53 -21.01
N GLU B 133 -25.59 -7.15 -20.52
CA GLU B 133 -25.49 -6.42 -19.26
C GLU B 133 -26.23 -5.09 -19.30
N VAL B 134 -26.44 -4.53 -20.50
CA VAL B 134 -27.07 -3.22 -20.62
C VAL B 134 -28.31 -3.32 -21.50
N ALA B 135 -28.39 -4.34 -22.35
CA ALA B 135 -29.52 -4.50 -23.23
C ALA B 135 -30.77 -4.89 -22.45
N THR B 136 -31.92 -4.42 -22.93
CA THR B 136 -33.21 -4.70 -22.30
C THR B 136 -34.20 -5.20 -23.34
N GLY B 137 -35.11 -6.06 -22.88
CA GLY B 137 -36.20 -6.50 -23.73
C GLY B 137 -35.84 -7.65 -24.66
N GLU B 138 -36.40 -7.61 -25.87
CA GLU B 138 -36.20 -8.68 -26.83
C GLU B 138 -34.75 -8.78 -27.27
N THR B 139 -34.08 -7.63 -27.41
CA THR B 139 -32.65 -7.66 -27.70
C THR B 139 -31.87 -8.32 -26.58
N ARG B 140 -32.25 -8.05 -25.33
CA ARG B 140 -31.63 -8.71 -24.19
C ARG B 140 -31.83 -10.22 -24.27
N ASN B 141 -33.05 -10.64 -24.59
CA ASN B 141 -33.33 -12.07 -24.69
C ASN B 141 -32.48 -12.72 -25.78
N SER B 142 -32.39 -12.07 -26.95
CA SER B 142 -31.62 -12.63 -28.05
C SER B 142 -30.14 -12.74 -27.70
N VAL B 143 -29.57 -11.69 -27.09
CA VAL B 143 -28.15 -11.73 -26.77
C VAL B 143 -27.89 -12.74 -25.65
N VAL B 144 -28.84 -12.91 -24.74
CA VAL B 144 -28.71 -13.93 -23.70
C VAL B 144 -28.68 -15.32 -24.32
N GLU B 145 -29.58 -15.57 -25.28
CA GLU B 145 -29.59 -16.86 -25.96
C GLU B 145 -28.28 -17.10 -26.69
N ASP B 146 -27.78 -16.08 -27.39
CA ASP B 146 -26.51 -16.23 -28.10
C ASP B 146 -25.36 -16.49 -27.14
N SER B 147 -25.34 -15.78 -26.01
CA SER B 147 -24.30 -15.99 -25.01
C SER B 147 -24.32 -17.42 -24.49
N GLN B 148 -25.50 -17.91 -24.13
CA GLN B 148 -25.60 -19.26 -23.59
C GLN B 148 -25.18 -20.30 -24.62
N LYS B 149 -25.62 -20.13 -25.87
CA LYS B 149 -25.26 -21.09 -26.92
C LYS B 149 -23.74 -21.08 -27.15
N ALA B 150 -23.15 -19.90 -27.26
CA ALA B 150 -21.72 -19.80 -27.52
C ALA B 150 -20.91 -20.39 -26.37
N TYR B 151 -21.34 -20.11 -25.13
CA TYR B 151 -20.64 -20.66 -23.98
C TYR B 151 -20.79 -22.18 -23.92
N GLN B 152 -21.98 -22.69 -24.23
CA GLN B 152 -22.21 -24.14 -24.14
C GLN B 152 -21.40 -24.90 -25.16
N ASP B 153 -21.29 -24.38 -26.40
CA ASP B 153 -20.49 -25.08 -27.40
C ASP B 153 -19.02 -25.16 -26.97
N ALA B 154 -18.49 -24.07 -26.44
CA ALA B 154 -17.12 -24.07 -25.93
C ALA B 154 -16.98 -25.03 -24.75
N PHE B 155 -18.00 -25.10 -23.90
CA PHE B 155 -17.98 -26.06 -22.81
C PHE B 155 -17.91 -27.50 -23.33
N GLU B 156 -18.69 -27.80 -24.37
CA GLU B 156 -18.66 -29.13 -24.96
C GLU B 156 -17.28 -29.47 -25.50
N ILE B 157 -16.69 -28.57 -26.28
CA ILE B 157 -15.38 -28.88 -26.84
C ILE B 157 -14.32 -28.99 -25.75
N SER B 158 -14.44 -28.17 -24.68
CA SER B 158 -13.51 -28.26 -23.58
C SER B 158 -13.59 -29.60 -22.87
N LYS B 159 -14.82 -30.04 -22.54
CA LYS B 159 -14.99 -31.35 -21.93
C LYS B 159 -14.53 -32.47 -22.84
N ALA B 160 -14.69 -32.30 -24.16
CA ALA B 160 -14.34 -33.36 -25.10
C ALA B 160 -12.83 -33.53 -25.22
N LYS B 161 -12.09 -32.43 -25.31
CA LYS B 161 -10.67 -32.57 -25.63
C LYS B 161 -9.75 -31.83 -24.66
N MET B 162 -10.16 -30.64 -24.21
CA MET B 162 -9.21 -29.70 -23.65
C MET B 162 -8.87 -30.07 -22.21
N GLN B 163 -7.61 -29.86 -21.85
CA GLN B 163 -7.05 -30.38 -20.59
C GLN B 163 -7.78 -29.80 -19.39
N PRO B 164 -8.10 -30.61 -18.37
CA PRO B 164 -8.93 -30.10 -17.28
C PRO B 164 -8.23 -29.22 -16.25
N THR B 165 -6.90 -29.17 -16.22
CA THR B 165 -6.20 -28.19 -15.42
C THR B 165 -5.96 -26.88 -16.16
N HIS B 166 -6.33 -26.82 -17.44
CA HIS B 166 -5.94 -25.74 -18.34
C HIS B 166 -6.53 -24.39 -17.94
N PRO B 167 -5.73 -23.31 -18.03
CA PRO B 167 -6.24 -21.99 -17.65
C PRO B 167 -7.44 -21.54 -18.47
N ILE B 168 -7.50 -21.90 -19.76
CA ILE B 168 -8.65 -21.47 -20.56
C ILE B 168 -9.91 -22.20 -20.13
N ARG B 169 -9.80 -23.49 -19.79
CA ARG B 169 -10.97 -24.20 -19.28
C ARG B 169 -11.44 -23.58 -17.97
N LEU B 170 -10.49 -23.27 -17.08
CA LEU B 170 -10.88 -22.67 -15.81
C LEU B 170 -11.51 -21.30 -16.02
N GLY B 171 -10.95 -20.49 -16.92
CA GLY B 171 -11.54 -19.18 -17.19
C GLY B 171 -12.90 -19.28 -17.83
N LEU B 172 -13.10 -20.26 -18.71
CA LEU B 172 -14.42 -20.50 -19.26
C LEU B 172 -15.41 -20.85 -18.18
N ALA B 173 -15.02 -21.70 -17.24
CA ALA B 173 -15.90 -22.04 -16.12
C ALA B 173 -16.23 -20.79 -15.30
N LEU B 174 -15.22 -19.96 -15.05
CA LEU B 174 -15.44 -18.73 -14.28
C LEU B 174 -16.43 -17.80 -14.99
N ASN B 175 -16.23 -17.59 -16.29
CA ASN B 175 -17.11 -16.69 -17.03
C ASN B 175 -18.51 -17.27 -17.19
N PHE B 176 -18.61 -18.58 -17.41
CA PHE B 176 -19.92 -19.21 -17.50
C PHE B 176 -20.67 -19.07 -16.19
N SER B 177 -19.98 -19.27 -15.06
CA SER B 177 -20.61 -19.13 -13.76
C SER B 177 -21.04 -17.68 -13.50
N VAL B 178 -20.19 -16.71 -13.84
CA VAL B 178 -20.58 -15.32 -13.57
C VAL B 178 -21.73 -14.91 -14.48
N PHE B 179 -21.78 -15.43 -15.71
CA PHE B 179 -22.94 -15.18 -16.55
C PHE B 179 -24.19 -15.77 -15.93
N TYR B 180 -24.12 -17.03 -15.49
CA TYR B 180 -25.26 -17.68 -14.85
C TYR B 180 -25.76 -16.88 -13.67
N TYR B 181 -24.85 -16.36 -12.85
CA TYR B 181 -25.26 -15.65 -11.64
C TYR B 181 -25.82 -14.27 -11.97
N GLU B 182 -25.11 -13.49 -12.78
CA GLU B 182 -25.48 -12.09 -12.97
C GLU B 182 -26.63 -11.92 -13.95
N ILE B 183 -26.59 -12.61 -15.09
CA ILE B 183 -27.53 -12.33 -16.15
C ILE B 183 -28.76 -13.24 -16.04
N LEU B 184 -28.54 -14.55 -16.03
CA LEU B 184 -29.66 -15.48 -15.99
C LEU B 184 -30.38 -15.49 -14.65
N ASN B 185 -29.81 -14.87 -13.61
CA ASN B 185 -30.44 -14.74 -12.29
C ASN B 185 -30.79 -16.12 -11.72
N SER B 186 -29.94 -17.10 -11.98
CA SER B 186 -30.12 -18.46 -11.49
C SER B 186 -28.83 -18.87 -10.79
N PRO B 187 -28.62 -18.43 -9.54
CA PRO B 187 -27.35 -18.69 -8.87
C PRO B 187 -27.05 -20.16 -8.64
N ASP B 188 -28.06 -21.03 -8.64
CA ASP B 188 -27.83 -22.44 -8.37
C ASP B 188 -26.92 -23.07 -9.43
N LYS B 189 -27.22 -22.81 -10.71
CA LYS B 189 -26.39 -23.36 -11.77
C LYS B 189 -24.98 -22.80 -11.73
N ALA B 190 -24.85 -21.52 -11.42
CA ALA B 190 -23.52 -20.91 -11.30
C ALA B 190 -22.71 -21.57 -10.19
N CYS B 191 -23.33 -21.75 -9.02
CA CYS B 191 -22.63 -22.39 -7.92
C CYS B 191 -22.24 -23.82 -8.26
N GLN B 192 -23.16 -24.56 -8.89
CA GLN B 192 -22.85 -25.93 -9.28
C GLN B 192 -21.68 -25.97 -10.24
N LEU B 193 -21.71 -25.14 -11.29
CA LEU B 193 -20.66 -25.17 -12.30
C LEU B 193 -19.31 -24.80 -11.70
N ALA B 194 -19.29 -23.74 -10.88
CA ALA B 194 -18.04 -23.36 -10.23
C ALA B 194 -17.52 -24.47 -9.33
N LYS B 195 -18.43 -25.14 -8.60
CA LYS B 195 -18.00 -26.21 -7.70
C LYS B 195 -17.41 -27.39 -8.48
N GLN B 196 -18.06 -27.79 -9.59
CA GLN B 196 -17.50 -28.90 -10.36
C GLN B 196 -16.17 -28.54 -10.99
N ALA B 197 -16.04 -27.31 -11.51
CA ALA B 197 -14.77 -26.90 -12.08
C ALA B 197 -13.67 -26.90 -11.04
N PHE B 198 -13.98 -26.36 -9.85
CA PHE B 198 -13.03 -26.37 -8.74
C PHE B 198 -12.62 -27.79 -8.39
N ASP B 199 -13.60 -28.70 -8.32
CA ASP B 199 -13.31 -30.08 -7.92
C ASP B 199 -12.42 -30.78 -8.95
N ASP B 200 -12.73 -30.62 -10.23
CA ASP B 200 -11.89 -31.25 -11.26
C ASP B 200 -10.49 -30.68 -11.24
N ALA B 201 -10.35 -29.36 -11.09
CA ALA B 201 -9.03 -28.75 -11.06
C ALA B 201 -8.22 -29.24 -9.86
N ILE B 202 -8.86 -29.34 -8.69
CA ILE B 202 -8.17 -29.87 -7.52
C ILE B 202 -7.79 -31.34 -7.74
N ALA B 203 -8.67 -32.09 -8.42
CA ALA B 203 -8.38 -33.49 -8.70
C ALA B 203 -7.14 -33.65 -9.55
N GLU B 204 -6.97 -32.79 -10.56
CA GLU B 204 -5.77 -32.83 -11.38
C GLU B 204 -4.77 -31.74 -11.03
N LEU B 205 -4.80 -31.26 -9.78
CA LEU B 205 -3.92 -30.16 -9.39
C LEU B 205 -2.48 -30.64 -9.18
N ASP B 206 -2.32 -31.90 -8.76
CA ASP B 206 -1.00 -32.36 -8.31
C ASP B 206 0.02 -32.37 -9.45
N THR B 207 -0.38 -32.83 -10.64
CA THR B 207 0.55 -33.00 -11.75
C THR B 207 0.93 -31.69 -12.44
N LEU B 208 0.55 -30.55 -11.86
CA LEU B 208 0.81 -29.27 -12.50
C LEU B 208 2.29 -28.88 -12.38
N ASN B 209 2.80 -28.21 -13.41
CA ASN B 209 4.14 -27.64 -13.35
C ASN B 209 4.11 -26.33 -12.58
N GLU B 210 5.28 -25.74 -12.39
CA GLU B 210 5.37 -24.51 -11.61
C GLU B 210 4.65 -23.35 -12.30
N ASP B 211 4.96 -23.12 -13.58
CA ASP B 211 4.34 -22.01 -14.29
C ASP B 211 2.85 -22.22 -14.49
N SER B 212 2.45 -23.45 -14.84
CA SER B 212 1.04 -23.76 -15.03
C SER B 212 0.27 -23.62 -13.73
N TYR B 213 0.85 -24.09 -12.63
CA TYR B 213 0.31 -23.82 -11.31
C TYR B 213 0.11 -22.33 -11.10
N LYS B 214 1.12 -21.54 -11.45
CA LYS B 214 1.08 -20.12 -11.15
C LYS B 214 -0.01 -19.40 -11.92
N ASP B 215 -0.25 -19.75 -13.19
CA ASP B 215 -1.32 -19.01 -13.85
C ASP B 215 -2.69 -19.57 -13.50
N SER B 216 -2.79 -20.90 -13.31
CA SER B 216 -4.07 -21.51 -13.01
C SER B 216 -4.60 -21.04 -11.66
N THR B 217 -3.72 -20.85 -10.67
CA THR B 217 -4.20 -20.56 -9.32
C THR B 217 -4.94 -19.23 -9.26
N LEU B 218 -4.67 -18.30 -10.17
CA LEU B 218 -5.35 -17.02 -10.15
C LEU B 218 -6.84 -17.19 -10.47
N ILE B 219 -7.13 -17.91 -11.56
CA ILE B 219 -8.53 -18.19 -11.89
C ILE B 219 -9.17 -19.05 -10.82
N MET B 220 -8.38 -19.96 -10.22
CA MET B 220 -8.90 -20.74 -9.09
C MET B 220 -9.33 -19.85 -7.95
N GLN B 221 -8.50 -18.86 -7.62
CA GLN B 221 -8.82 -17.95 -6.51
C GLN B 221 -10.05 -17.12 -6.83
N LEU B 222 -10.18 -16.67 -8.08
CA LEU B 222 -11.38 -15.92 -8.46
C LEU B 222 -12.63 -16.79 -8.38
N LEU B 223 -12.52 -18.06 -8.78
CA LEU B 223 -13.64 -18.99 -8.60
C LEU B 223 -14.01 -19.10 -7.13
N ARG B 224 -13.02 -19.24 -6.26
CA ARG B 224 -13.29 -19.36 -4.84
C ARG B 224 -13.97 -18.10 -4.29
N ASP B 225 -13.49 -16.93 -4.69
CA ASP B 225 -14.09 -15.69 -4.22
C ASP B 225 -15.53 -15.53 -4.70
N ASN B 226 -15.80 -15.84 -5.96
CA ASN B 226 -17.18 -15.76 -6.45
C ASN B 226 -18.06 -16.79 -5.75
N LEU B 227 -17.55 -18.00 -5.51
CA LEU B 227 -18.32 -19.00 -4.79
C LEU B 227 -18.67 -18.52 -3.39
N THR B 228 -17.69 -17.92 -2.70
CA THR B 228 -17.96 -17.39 -1.36
C THR B 228 -18.98 -16.28 -1.41
N LEU B 229 -18.87 -15.37 -2.39
CA LEU B 229 -19.82 -14.26 -2.48
C LEU B 229 -21.22 -14.77 -2.75
N TRP B 230 -21.36 -15.78 -3.61
CA TRP B 230 -22.68 -16.30 -3.94
C TRP B 230 -23.26 -17.11 -2.78
N THR B 231 -22.42 -17.87 -2.07
CA THR B 231 -22.90 -18.69 -0.96
C THR B 231 -23.30 -17.81 0.23
N SER B 232 -22.56 -16.75 0.50
CA SER B 232 -22.88 -15.87 1.61
C SER B 232 -24.21 -15.16 1.36
N ASP B 233 -24.84 -14.73 2.45
CA ASP B 233 -26.13 -14.05 2.37
C ASP B 233 -25.99 -12.69 1.68
N ASP C 341 8.11 -17.44 34.87
CA ASP C 341 8.68 -16.34 34.10
C ASP C 341 8.14 -16.36 32.67
N TRP C 342 9.04 -16.63 31.72
CA TRP C 342 8.68 -16.78 30.32
C TRP C 342 8.41 -18.23 29.95
N GLU C 343 8.40 -19.13 30.94
CA GLU C 343 8.10 -20.53 30.69
C GLU C 343 6.62 -20.68 30.37
N ILE C 344 6.32 -21.40 29.28
CA ILE C 344 4.96 -21.53 28.78
C ILE C 344 4.59 -23.00 28.72
N GLU C 345 3.45 -23.34 29.31
CA GLU C 345 3.01 -24.73 29.40
C GLU C 345 2.90 -25.35 28.01
N ALA C 346 3.41 -26.57 27.87
CA ALA C 346 3.44 -27.24 26.59
C ALA C 346 2.06 -27.64 26.08
N SER C 347 1.08 -27.77 26.98
CA SER C 347 -0.25 -28.17 26.55
C SER C 347 -0.95 -27.08 25.77
N GLU C 348 -0.66 -25.81 26.09
CA GLU C 348 -1.31 -24.67 25.45
C GLU C 348 -0.44 -24.15 24.31
N VAL C 349 -0.30 -24.98 23.27
CA VAL C 349 0.44 -24.59 22.07
C VAL C 349 -0.02 -25.48 20.93
N MET C 350 0.09 -24.96 19.71
CA MET C 350 -0.32 -25.69 18.51
C MET C 350 0.75 -25.52 17.45
N LEU C 351 1.05 -26.60 16.75
CA LEU C 351 2.12 -26.64 15.74
C LEU C 351 1.50 -27.02 14.40
N SER C 352 1.26 -26.02 13.55
CA SER C 352 0.51 -26.25 12.31
C SER C 352 1.35 -26.97 11.26
N THR C 353 2.45 -26.34 10.83
CA THR C 353 3.23 -26.83 9.70
C THR C 353 4.72 -26.81 10.03
N ARG C 354 5.46 -27.66 9.34
CA ARG C 354 6.93 -27.73 9.45
C ARG C 354 7.49 -26.98 8.26
N ILE C 355 7.68 -25.66 8.42
CA ILE C 355 8.24 -24.84 7.37
C ILE C 355 9.49 -24.13 7.89
N GLY C 356 10.20 -24.79 8.79
CA GLY C 356 11.44 -24.24 9.31
C GLY C 356 12.28 -25.26 10.06
N THR C 362 12.52 -28.17 13.20
CA THR C 362 13.19 -27.09 13.92
C THR C 362 12.18 -25.98 14.20
N VAL C 363 11.99 -25.09 13.23
CA VAL C 363 11.00 -24.01 13.36
C VAL C 363 9.65 -24.55 12.93
N TYR C 364 8.64 -24.38 13.78
CA TYR C 364 7.31 -24.91 13.55
C TYR C 364 6.30 -23.78 13.58
N LYS C 365 5.70 -23.50 12.42
CA LYS C 365 4.62 -22.53 12.34
C LYS C 365 3.41 -23.05 13.13
N GLY C 366 2.80 -22.16 13.90
CA GLY C 366 1.66 -22.56 14.69
C GLY C 366 0.94 -21.35 15.24
N LYS C 367 0.11 -21.60 16.25
CA LYS C 367 -0.64 -20.54 16.92
C LYS C 367 -0.44 -20.64 18.42
N TRP C 368 -0.31 -19.49 19.06
CA TRP C 368 -0.20 -19.40 20.53
C TRP C 368 -0.75 -18.03 20.93
N HIS C 369 -2.03 -18.02 21.32
CA HIS C 369 -2.79 -16.77 21.48
C HIS C 369 -2.57 -15.84 20.29
N GLY C 370 -2.38 -16.43 19.12
CA GLY C 370 -1.99 -15.71 17.92
C GLY C 370 -0.95 -16.50 17.15
N ASP C 371 -0.79 -16.15 15.88
CA ASP C 371 0.18 -16.83 15.03
C ASP C 371 1.58 -16.53 15.52
N VAL C 372 2.33 -17.58 15.86
CA VAL C 372 3.68 -17.47 16.38
C VAL C 372 4.59 -18.42 15.60
N ALA C 373 5.87 -18.41 15.97
CA ALA C 373 6.85 -19.33 15.43
C ALA C 373 7.55 -20.04 16.58
N VAL C 374 7.52 -21.36 16.55
CA VAL C 374 8.10 -22.19 17.61
C VAL C 374 9.28 -22.94 17.01
N LYS C 375 10.46 -22.77 17.61
CA LYS C 375 11.67 -23.40 17.12
C LYS C 375 11.99 -24.60 18.02
N ILE C 376 11.42 -25.75 17.69
CA ILE C 376 11.67 -26.96 18.45
C ILE C 376 13.15 -27.35 18.32
N LEU C 377 13.66 -28.02 19.35
CA LEU C 377 15.09 -28.31 19.39
C LEU C 377 15.49 -29.23 18.24
N LYS C 378 14.66 -30.22 17.92
CA LYS C 378 14.79 -31.24 16.86
C LYS C 378 15.60 -32.46 17.31
N VAL C 379 16.14 -32.47 18.53
CA VAL C 379 16.78 -33.65 19.10
C VAL C 379 16.07 -34.00 20.40
N VAL C 380 15.71 -35.28 20.56
CA VAL C 380 14.90 -35.69 21.70
C VAL C 380 15.65 -35.49 23.01
N ASP C 381 16.94 -35.85 23.01
CA ASP C 381 17.75 -35.73 24.25
C ASP C 381 18.66 -34.50 24.14
N PRO C 382 18.60 -33.55 25.11
CA PRO C 382 19.50 -32.39 25.09
C PRO C 382 20.78 -32.67 25.89
N THR C 383 21.90 -32.86 25.19
CA THR C 383 23.20 -33.07 25.90
C THR C 383 23.53 -31.80 26.69
N PRO C 384 24.14 -31.89 27.89
CA PRO C 384 24.41 -30.70 28.71
C PRO C 384 24.89 -29.50 27.90
N GLU C 385 25.71 -29.72 26.87
CA GLU C 385 26.15 -28.61 26.04
C GLU C 385 25.00 -28.01 25.25
N GLN C 386 24.10 -28.86 24.73
CA GLN C 386 22.94 -28.35 24.01
C GLN C 386 22.03 -27.55 24.93
N PHE C 387 21.82 -28.04 26.16
CA PHE C 387 21.04 -27.29 27.12
C PHE C 387 21.71 -25.96 27.46
N GLN C 388 23.03 -25.96 27.61
CA GLN C 388 23.77 -24.72 27.85
C GLN C 388 23.56 -23.73 26.71
N ALA C 389 23.64 -24.21 25.47
CA ALA C 389 23.42 -23.34 24.32
C ALA C 389 22.00 -22.79 24.32
N PHE C 390 21.04 -23.61 24.74
CA PHE C 390 19.62 -23.16 24.71
C PHE C 390 19.39 -22.11 25.82
N ARG C 391 20.06 -22.26 26.99
CA ARG C 391 19.89 -21.21 27.99
C ARG C 391 20.64 -19.95 27.62
N ASN C 392 21.76 -20.07 26.89
CA ASN C 392 22.39 -18.87 26.34
C ASN C 392 21.45 -18.18 25.35
N GLU C 393 20.78 -18.95 24.51
CA GLU C 393 19.80 -18.38 23.58
C GLU C 393 18.68 -17.67 24.34
N VAL C 394 18.18 -18.30 25.40
CA VAL C 394 17.11 -17.70 26.20
C VAL C 394 17.59 -16.40 26.84
N ALA C 395 18.79 -16.42 27.42
CA ALA C 395 19.30 -15.22 28.08
C ALA C 395 19.56 -14.10 27.08
N VAL C 396 20.06 -14.44 25.89
CA VAL C 396 20.34 -13.41 24.90
C VAL C 396 19.04 -12.84 24.32
N LEU C 397 17.99 -13.66 24.21
CA LEU C 397 16.71 -13.17 23.73
C LEU C 397 15.93 -12.39 24.79
N ARG C 398 16.14 -12.69 26.07
CA ARG C 398 15.36 -12.05 27.13
C ARG C 398 15.72 -10.59 27.33
N LYS C 399 16.84 -10.14 26.75
CA LYS C 399 17.30 -8.77 26.95
C LYS C 399 17.05 -7.87 25.75
N THR C 400 16.48 -8.40 24.67
CA THR C 400 16.20 -7.61 23.47
C THR C 400 14.72 -7.29 23.40
N ARG C 401 14.39 -6.00 23.42
CA ARG C 401 13.02 -5.53 23.16
C ARG C 401 13.15 -4.30 22.28
N HIS C 402 13.14 -4.51 20.96
CA HIS C 402 13.25 -3.43 20.00
C HIS C 402 12.26 -3.67 18.87
N VAL C 403 11.78 -2.56 18.28
CA VAL C 403 10.84 -2.64 17.17
C VAL C 403 11.50 -3.10 15.87
N ASN C 404 12.81 -3.33 15.89
CA ASN C 404 13.53 -3.83 14.74
C ASN C 404 14.14 -5.21 14.99
N ILE C 405 13.68 -5.89 16.04
CA ILE C 405 14.20 -7.20 16.44
C ILE C 405 13.02 -8.15 16.58
N LEU C 406 13.16 -9.35 16.02
CA LEU C 406 12.10 -10.35 16.13
C LEU C 406 11.75 -10.57 17.58
N LEU C 407 10.47 -10.42 17.90
CA LEU C 407 10.02 -10.42 19.28
C LEU C 407 10.14 -11.80 19.90
N PHE C 408 10.53 -11.83 21.16
CA PHE C 408 10.61 -13.07 21.93
C PHE C 408 9.35 -13.23 22.76
N MET C 409 8.70 -14.38 22.65
CA MET C 409 7.42 -14.60 23.31
C MET C 409 7.53 -15.52 24.53
N GLY C 410 8.44 -16.47 24.50
CA GLY C 410 8.60 -17.39 25.61
C GLY C 410 9.32 -18.65 25.16
N TYR C 411 9.60 -19.50 26.13
CA TYR C 411 10.28 -20.76 25.88
C TYR C 411 9.54 -21.90 26.56
N MET C 412 9.44 -23.03 25.86
CA MET C 412 8.82 -24.24 26.40
C MET C 412 9.88 -25.31 26.55
N THR C 413 10.01 -25.85 27.76
CA THR C 413 11.07 -26.79 28.10
C THR C 413 10.54 -28.19 28.38
N LYS C 414 9.24 -28.42 28.17
CA LYS C 414 8.60 -29.67 28.56
C LYS C 414 8.59 -30.63 27.38
N ASP C 415 9.35 -31.72 27.49
CA ASP C 415 9.49 -32.81 26.53
C ASP C 415 10.30 -32.37 25.31
N ASN C 416 10.61 -31.08 25.17
CA ASN C 416 11.41 -30.55 24.08
C ASN C 416 11.74 -29.10 24.41
N LEU C 417 12.79 -28.59 23.78
CA LEU C 417 13.21 -27.21 23.98
C LEU C 417 12.82 -26.41 22.74
N ALA C 418 12.08 -25.32 22.96
CA ALA C 418 11.66 -24.45 21.87
C ALA C 418 11.48 -23.04 22.39
N ILE C 419 11.80 -22.07 21.55
CA ILE C 419 11.64 -20.66 21.85
C ILE C 419 10.51 -20.11 20.99
N VAL C 420 9.50 -19.55 21.63
CA VAL C 420 8.36 -18.98 20.91
C VAL C 420 8.72 -17.56 20.51
N THR C 421 8.69 -17.29 19.21
CA THR C 421 9.02 -15.98 18.68
C THR C 421 7.88 -15.46 17.81
N GLN C 422 7.90 -14.16 17.57
CA GLN C 422 6.87 -13.52 16.75
C GLN C 422 6.89 -14.08 15.34
N TRP C 423 5.71 -14.20 14.74
CA TRP C 423 5.57 -14.63 13.36
C TRP C 423 5.37 -13.40 12.49
N CYS C 424 6.21 -13.25 11.48
CA CYS C 424 6.16 -12.10 10.58
C CYS C 424 5.75 -12.55 9.19
N GLU C 425 4.85 -11.79 8.56
CA GLU C 425 4.36 -12.10 7.23
C GLU C 425 5.14 -11.24 6.24
N GLY C 426 6.23 -11.80 5.73
CA GLY C 426 7.06 -11.11 4.77
C GLY C 426 8.29 -11.92 4.48
N SER C 427 8.89 -11.64 3.33
CA SER C 427 10.07 -12.38 2.92
C SER C 427 11.27 -12.01 3.79
N SER C 428 12.30 -12.84 3.72
CA SER C 428 13.50 -12.68 4.52
C SER C 428 14.55 -11.77 3.87
N LEU C 429 14.17 -11.06 2.80
CA LEU C 429 15.01 -10.11 2.09
C LEU C 429 16.09 -10.82 1.27
N TYR C 430 16.25 -12.07 1.40
CA TYR C 430 17.20 -12.78 0.50
C TYR C 430 16.44 -12.96 -0.82
N LYS C 431 15.10 -13.31 -0.71
CA LYS C 431 14.33 -13.38 -1.95
C LYS C 431 14.32 -12.04 -2.67
N HIS C 432 13.99 -10.96 -1.94
CA HIS C 432 13.92 -9.64 -2.57
C HIS C 432 15.26 -9.22 -3.15
N LEU C 433 16.36 -9.77 -2.64
CA LEU C 433 17.69 -9.40 -3.14
C LEU C 433 17.82 -9.77 -4.61
N HIS C 434 17.80 -11.06 -4.92
CA HIS C 434 17.93 -11.49 -6.31
C HIS C 434 16.90 -12.54 -6.68
N VAL C 435 16.44 -13.32 -5.69
CA VAL C 435 15.52 -14.42 -5.99
C VAL C 435 14.16 -13.89 -6.42
N GLN C 436 13.61 -12.95 -5.65
CA GLN C 436 12.34 -12.34 -6.01
C GLN C 436 12.50 -11.15 -6.95
N GLU C 437 13.65 -10.45 -6.86
CA GLU C 437 13.96 -9.32 -7.75
C GLU C 437 12.90 -8.23 -7.66
N THR C 438 12.75 -7.68 -6.46
CA THR C 438 11.73 -6.66 -6.23
C THR C 438 12.13 -5.30 -6.79
N LYS C 439 13.43 -4.98 -6.77
CA LYS C 439 13.96 -3.74 -7.35
C LYS C 439 13.32 -2.51 -6.70
N PHE C 440 13.66 -2.33 -5.43
CA PHE C 440 13.21 -1.15 -4.69
C PHE C 440 13.80 0.11 -5.30
N GLN C 441 13.09 1.23 -5.11
CA GLN C 441 13.61 2.52 -5.53
C GLN C 441 14.67 3.02 -4.55
N MET C 442 15.42 4.03 -4.98
CA MET C 442 16.55 4.53 -4.18
C MET C 442 16.09 5.08 -2.83
N PHE C 443 14.99 5.83 -2.81
CA PHE C 443 14.54 6.43 -1.56
C PHE C 443 14.06 5.39 -0.55
N GLN C 444 13.50 4.28 -1.01
CA GLN C 444 13.15 3.17 -0.13
C GLN C 444 14.33 2.25 0.12
N LEU C 445 15.46 2.50 -0.52
CA LEU C 445 16.64 1.65 -0.43
C LEU C 445 17.60 2.14 0.64
N ILE C 446 17.28 3.26 1.31
CA ILE C 446 18.09 3.80 2.39
C ILE C 446 17.39 3.50 3.71
N ASP C 447 16.06 3.49 3.68
CA ASP C 447 15.29 3.25 4.90
C ASP C 447 15.61 1.88 5.50
N ILE C 448 15.79 0.87 4.65
CA ILE C 448 16.15 -0.46 5.14
C ILE C 448 17.49 -0.40 5.85
N ALA C 449 18.46 0.30 5.27
CA ALA C 449 19.78 0.41 5.89
C ALA C 449 19.69 1.13 7.24
N ARG C 450 18.93 2.22 7.30
CA ARG C 450 18.81 2.97 8.55
C ARG C 450 18.13 2.12 9.63
N GLN C 451 17.09 1.37 9.25
CA GLN C 451 16.40 0.54 10.22
C GLN C 451 17.28 -0.60 10.72
N THR C 452 18.05 -1.23 9.83
CA THR C 452 18.98 -2.26 10.26
C THR C 452 20.03 -1.68 11.19
N ALA C 453 20.53 -0.47 10.88
CA ALA C 453 21.51 0.17 11.74
C ALA C 453 20.91 0.48 13.11
N GLN C 454 19.65 0.93 13.14
CA GLN C 454 19.06 1.32 14.45
C GLN C 454 18.87 0.08 15.32
N GLY C 455 18.48 -1.04 14.72
CA GLY C 455 18.31 -2.30 15.47
C GLY C 455 19.66 -2.78 15.97
N MET C 456 20.66 -2.81 15.09
CA MET C 456 21.99 -3.24 15.51
C MET C 456 22.54 -2.31 16.59
N ASP C 457 22.21 -1.02 16.52
CA ASP C 457 22.54 -0.08 17.58
C ASP C 457 21.99 -0.55 18.91
N TYR C 458 20.70 -0.91 18.94
CA TYR C 458 20.12 -1.37 20.19
C TYR C 458 20.81 -2.65 20.67
N LEU C 459 21.06 -3.59 19.75
CA LEU C 459 21.72 -4.83 20.14
C LEU C 459 23.08 -4.56 20.78
N HIS C 460 23.88 -3.68 20.18
CA HIS C 460 25.20 -3.38 20.72
C HIS C 460 25.12 -2.56 22.00
N ALA C 461 24.10 -1.71 22.14
CA ALA C 461 23.96 -0.93 23.36
C ALA C 461 23.60 -1.82 24.54
N LYS C 462 22.80 -2.86 24.31
CA LYS C 462 22.50 -3.81 25.38
C LYS C 462 23.56 -4.89 25.54
N ASN C 463 24.77 -4.66 25.01
CA ASN C 463 25.88 -5.61 25.10
C ASN C 463 25.53 -6.95 24.46
N ILE C 464 24.83 -6.92 23.33
CA ILE C 464 24.44 -8.11 22.59
C ILE C 464 25.16 -8.10 21.27
N ILE C 465 25.93 -9.15 21.00
CA ILE C 465 26.61 -9.34 19.72
C ILE C 465 25.87 -10.42 18.95
N HIS C 466 25.24 -10.04 17.84
CA HIS C 466 24.55 -11.03 17.02
C HIS C 466 25.51 -11.96 16.30
N ARG C 467 26.81 -11.65 16.31
CA ARG C 467 27.86 -12.44 15.66
C ARG C 467 27.52 -12.47 14.17
N ASP C 468 27.55 -13.62 13.51
CA ASP C 468 27.39 -13.68 12.06
C ASP C 468 25.94 -13.40 11.70
N MET C 469 25.74 -12.68 10.60
CA MET C 469 24.42 -12.42 10.06
C MET C 469 24.52 -12.24 8.56
N LYS C 470 23.45 -12.57 7.86
CA LYS C 470 23.41 -12.47 6.40
C LYS C 470 22.16 -11.67 6.01
N SER C 471 21.86 -11.66 4.72
CA SER C 471 20.66 -11.00 4.23
C SER C 471 19.39 -11.76 4.59
N ASN C 472 19.48 -13.06 4.87
CA ASN C 472 18.29 -13.84 5.17
C ASN C 472 17.74 -13.52 6.56
N ASN C 473 18.62 -13.29 7.53
CA ASN C 473 18.16 -13.03 8.89
C ASN C 473 17.47 -11.68 9.02
N ILE C 474 17.65 -10.79 8.03
CA ILE C 474 17.05 -9.46 8.06
C ILE C 474 15.66 -9.58 7.41
N PHE C 475 14.62 -9.64 8.23
CA PHE C 475 13.27 -9.89 7.74
C PHE C 475 12.61 -8.57 7.37
N LEU C 476 12.22 -8.44 6.09
CA LEU C 476 11.47 -7.28 5.61
C LEU C 476 9.98 -7.55 5.79
N HIS C 477 9.51 -7.29 7.01
CA HIS C 477 8.15 -7.60 7.41
C HIS C 477 7.21 -6.45 7.10
N GLU C 478 6.16 -6.76 6.34
CA GLU C 478 5.04 -5.87 6.04
C GLU C 478 5.62 -4.66 5.29
N GLY C 479 5.20 -3.43 5.56
CA GLY C 479 5.58 -2.27 4.78
C GLY C 479 6.98 -1.77 5.06
N LEU C 480 7.98 -2.49 4.56
CA LEU C 480 9.40 -2.14 4.54
C LEU C 480 10.04 -2.16 5.92
N THR C 481 9.30 -2.46 6.99
CA THR C 481 9.90 -2.52 8.31
C THR C 481 10.86 -3.71 8.39
N VAL C 482 11.99 -3.50 9.07
CA VAL C 482 13.07 -4.47 9.12
C VAL C 482 13.13 -5.08 10.51
N LYS C 483 13.18 -6.41 10.57
CA LYS C 483 13.28 -7.15 11.82
C LYS C 483 14.52 -8.04 11.79
N ILE C 484 15.32 -7.99 12.85
CA ILE C 484 16.48 -8.86 12.97
C ILE C 484 16.02 -10.27 13.34
N GLY C 485 16.62 -11.26 12.70
CA GLY C 485 16.15 -12.63 12.84
C GLY C 485 16.73 -13.44 13.99
N ASP C 486 17.21 -14.64 13.68
CA ASP C 486 17.62 -15.59 14.72
C ASP C 486 18.85 -15.11 15.47
N PHE C 487 18.97 -15.56 16.71
CA PHE C 487 20.11 -15.26 17.57
C PHE C 487 20.89 -16.52 17.91
N GLY C 488 20.96 -17.46 16.96
CA GLY C 488 21.61 -18.74 17.23
C GLY C 488 23.06 -18.59 17.63
N LEU C 489 23.77 -17.68 16.99
CA LEU C 489 25.17 -17.41 17.30
C LEU C 489 25.37 -16.24 18.24
N ALA C 490 24.29 -15.64 18.73
CA ALA C 490 24.40 -14.47 19.59
C ALA C 490 24.94 -14.87 20.96
N THR C 491 25.94 -14.12 21.44
CA THR C 491 26.52 -14.33 22.76
C THR C 491 26.83 -12.98 23.39
N VAL C 492 26.42 -12.80 24.64
CA VAL C 492 26.75 -11.59 25.38
C VAL C 492 28.15 -11.74 25.95
N LYS C 493 29.02 -10.78 25.65
CA LYS C 493 30.40 -10.82 26.12
C LYS C 493 30.48 -10.58 27.62
N THR C 506 28.51 -21.69 7.03
CA THR C 506 29.54 -22.40 6.28
C THR C 506 29.15 -22.56 4.81
N GLY C 507 27.84 -22.69 4.57
CA GLY C 507 27.37 -22.81 3.20
C GLY C 507 27.65 -21.58 2.36
N SER C 508 27.47 -20.40 2.94
CA SER C 508 27.71 -19.13 2.27
C SER C 508 28.69 -18.32 3.09
N VAL C 509 29.79 -17.91 2.47
CA VAL C 509 30.85 -17.14 3.12
C VAL C 509 30.88 -15.70 2.62
N LEU C 510 29.88 -15.29 1.85
CA LEU C 510 29.90 -13.97 1.24
C LEU C 510 29.73 -12.86 2.26
N TRP C 511 29.01 -13.13 3.36
CA TRP C 511 28.61 -12.07 4.28
C TRP C 511 29.27 -12.22 5.64
N MET C 512 30.56 -12.52 5.68
CA MET C 512 31.20 -12.87 6.94
C MET C 512 32.67 -12.47 6.88
N ALA C 513 33.19 -11.99 8.02
CA ALA C 513 34.38 -11.13 8.02
C ALA C 513 35.68 -11.90 7.83
N PRO C 514 36.69 -11.32 7.16
CA PRO C 514 37.97 -12.03 7.01
C PRO C 514 38.65 -12.34 8.32
N GLU C 515 38.48 -11.48 9.33
CA GLU C 515 38.97 -11.83 10.66
C GLU C 515 38.22 -13.03 11.21
N VAL C 516 36.89 -13.08 10.98
CA VAL C 516 36.05 -14.11 11.59
C VAL C 516 36.39 -15.50 11.03
N ILE C 517 36.81 -15.59 9.77
CA ILE C 517 37.29 -16.88 9.28
C ILE C 517 38.58 -17.27 9.99
N ARG C 518 39.48 -16.32 10.19
CA ARG C 518 40.80 -16.61 10.74
C ARG C 518 40.71 -17.42 12.02
N MET C 519 40.10 -16.88 13.07
CA MET C 519 39.88 -17.61 14.33
C MET C 519 41.11 -18.42 14.72
N GLN C 520 42.24 -17.71 14.84
CA GLN C 520 43.46 -18.35 15.29
C GLN C 520 43.27 -19.01 16.66
N ASP C 521 42.51 -18.36 17.54
CA ASP C 521 42.08 -18.95 18.80
C ASP C 521 40.57 -19.21 18.84
N ASN C 522 39.83 -18.68 17.86
CA ASN C 522 38.37 -18.75 17.80
C ASN C 522 37.72 -18.35 19.13
N ASN C 523 38.43 -17.53 19.91
CA ASN C 523 37.88 -16.88 21.09
C ASN C 523 37.18 -15.56 20.79
N PRO C 524 37.81 -14.63 20.07
CA PRO C 524 37.34 -13.24 20.11
C PRO C 524 36.23 -12.95 19.11
N PHE C 525 35.27 -12.14 19.55
CA PHE C 525 34.20 -11.66 18.68
C PHE C 525 33.84 -10.25 19.16
N SER C 526 34.36 -9.25 18.46
CA SER C 526 34.17 -7.86 18.83
C SER C 526 33.08 -7.23 17.96
N PHE C 527 32.83 -5.95 18.19
CA PHE C 527 31.75 -5.24 17.50
C PHE C 527 32.06 -5.00 16.03
N GLN C 528 33.34 -4.92 15.66
CA GLN C 528 33.70 -4.63 14.28
C GLN C 528 33.27 -5.76 13.33
N SER C 529 33.17 -6.99 13.85
CA SER C 529 32.61 -8.07 13.03
C SER C 529 31.17 -7.75 12.64
N ASP C 530 30.37 -7.29 13.61
CA ASP C 530 29.01 -6.86 13.31
C ASP C 530 29.00 -5.65 12.38
N VAL C 531 29.98 -4.76 12.54
CA VAL C 531 30.05 -3.59 11.67
C VAL C 531 30.23 -4.02 10.22
N TYR C 532 31.15 -4.94 9.98
CA TYR C 532 31.35 -5.39 8.60
C TYR C 532 30.11 -6.17 8.14
N SER C 533 29.50 -6.95 9.04
CA SER C 533 28.30 -7.68 8.64
C SER C 533 27.23 -6.73 8.14
N TYR C 534 27.00 -5.63 8.87
CA TYR C 534 26.05 -4.64 8.40
C TYR C 534 26.53 -3.98 7.11
N GLY C 535 27.83 -3.73 6.98
CA GLY C 535 28.33 -3.09 5.78
C GLY C 535 28.13 -3.94 4.54
N ILE C 536 28.39 -5.23 4.65
CA ILE C 536 28.18 -6.13 3.52
C ILE C 536 26.69 -6.27 3.23
N VAL C 537 25.86 -6.29 4.27
CA VAL C 537 24.41 -6.28 4.05
C VAL C 537 24.01 -5.02 3.29
N LEU C 538 24.61 -3.89 3.66
CA LEU C 538 24.32 -2.62 2.99
C LEU C 538 24.75 -2.65 1.53
N TYR C 539 25.92 -3.25 1.26
CA TYR C 539 26.37 -3.35 -0.13
C TYR C 539 25.39 -4.20 -0.94
N GLU C 540 24.99 -5.36 -0.41
CA GLU C 540 24.01 -6.18 -1.12
C GLU C 540 22.71 -5.43 -1.33
N LEU C 541 22.26 -4.71 -0.31
CA LEU C 541 21.00 -3.98 -0.40
C LEU C 541 21.08 -2.89 -1.46
N MET C 542 22.21 -2.19 -1.54
CA MET C 542 22.35 -1.08 -2.49
C MET C 542 22.37 -1.58 -3.92
N THR C 543 23.36 -2.39 -4.28
CA THR C 543 23.52 -2.82 -5.67
C THR C 543 22.49 -3.85 -6.09
N GLY C 544 21.83 -4.52 -5.14
CA GLY C 544 20.90 -5.56 -5.48
C GLY C 544 21.50 -6.79 -6.10
N GLU C 545 22.83 -6.92 -6.08
CA GLU C 545 23.54 -8.05 -6.65
C GLU C 545 24.44 -8.66 -5.57
N LEU C 546 25.23 -9.65 -5.97
CA LEU C 546 26.08 -10.38 -5.04
C LEU C 546 27.49 -10.46 -5.62
N PRO C 547 28.50 -9.98 -4.89
CA PRO C 547 29.88 -10.15 -5.34
C PRO C 547 30.33 -11.60 -5.12
N TYR C 548 31.47 -11.93 -5.73
CA TYR C 548 32.02 -13.28 -5.77
C TYR C 548 31.07 -14.28 -6.43
N SER C 549 30.02 -13.80 -7.09
CA SER C 549 29.07 -14.66 -7.79
C SER C 549 29.43 -14.86 -9.25
N HIS C 550 30.49 -14.22 -9.74
CA HIS C 550 30.95 -14.44 -11.11
C HIS C 550 31.59 -15.82 -11.27
N ILE C 551 31.90 -16.48 -10.17
CA ILE C 551 32.57 -17.78 -10.16
C ILE C 551 31.88 -18.66 -9.11
N ASN C 552 32.25 -19.93 -9.09
CA ASN C 552 31.60 -20.95 -8.26
C ASN C 552 32.62 -21.77 -7.48
N ASN C 553 33.58 -21.10 -6.84
CA ASN C 553 34.58 -21.76 -6.01
C ASN C 553 34.61 -21.10 -4.63
N ARG C 554 33.79 -21.63 -3.72
CA ARG C 554 33.69 -21.06 -2.38
C ARG C 554 35.03 -21.12 -1.65
N ASP C 555 35.75 -22.23 -1.78
CA ASP C 555 37.05 -22.36 -1.13
C ASP C 555 38.01 -21.29 -1.63
N GLN C 556 38.07 -21.07 -2.94
CA GLN C 556 38.99 -20.09 -3.49
C GLN C 556 38.61 -18.67 -3.08
N ILE C 557 37.31 -18.34 -3.13
CA ILE C 557 36.91 -16.98 -2.79
C ILE C 557 37.15 -16.70 -1.31
N ILE C 558 36.93 -17.69 -0.45
CA ILE C 558 37.15 -17.46 0.97
C ILE C 558 38.63 -17.54 1.33
N PHE C 559 39.45 -18.19 0.50
CA PHE C 559 40.89 -18.11 0.68
C PHE C 559 41.41 -16.73 0.29
N MET C 560 40.91 -16.17 -0.81
CA MET C 560 41.41 -14.87 -1.25
C MET C 560 40.88 -13.72 -0.40
N VAL C 561 39.65 -13.80 0.09
CA VAL C 561 39.12 -12.71 0.92
C VAL C 561 39.50 -12.89 2.39
N GLY C 562 39.68 -14.13 2.85
CA GLY C 562 40.01 -14.34 4.24
C GLY C 562 41.38 -13.84 4.62
N ARG C 563 42.36 -14.00 3.73
CA ARG C 563 43.76 -13.68 4.01
C ARG C 563 44.17 -12.35 3.42
N GLY C 564 43.22 -11.55 2.93
CA GLY C 564 43.52 -10.25 2.40
C GLY C 564 44.04 -10.22 0.98
N TYR C 565 43.98 -11.34 0.25
CA TYR C 565 44.43 -11.35 -1.13
C TYR C 565 43.54 -10.47 -2.01
N ALA C 566 42.23 -10.54 -1.81
CA ALA C 566 41.29 -9.84 -2.67
C ALA C 566 40.24 -9.13 -1.81
N SER C 567 39.50 -8.24 -2.45
CA SER C 567 38.45 -7.46 -1.82
C SER C 567 37.18 -7.58 -2.64
N PRO C 568 36.01 -7.40 -2.03
CA PRO C 568 34.79 -7.36 -2.82
C PRO C 568 34.83 -6.18 -3.78
N ASP C 569 34.38 -6.40 -5.01
CA ASP C 569 34.34 -5.32 -5.98
C ASP C 569 33.31 -4.27 -5.55
N LEU C 570 33.61 -3.01 -5.84
CA LEU C 570 32.82 -1.91 -5.34
C LEU C 570 32.20 -1.08 -6.46
N SER C 571 32.40 -1.48 -7.72
CA SER C 571 31.93 -0.71 -8.87
C SER C 571 30.57 -1.16 -9.40
N LYS C 572 29.92 -2.16 -8.78
CA LYS C 572 28.61 -2.59 -9.24
C LYS C 572 27.48 -1.71 -8.73
N LEU C 573 27.79 -0.60 -8.07
CA LEU C 573 26.76 0.20 -7.43
C LEU C 573 26.12 1.16 -8.45
N TYR C 574 24.97 1.71 -8.05
CA TYR C 574 24.05 2.31 -9.00
C TYR C 574 24.47 3.73 -9.33
N LYS C 575 24.07 4.19 -10.52
CA LYS C 575 24.39 5.55 -10.96
C LYS C 575 23.74 6.59 -10.06
N ASN C 576 22.61 6.27 -9.45
CA ASN C 576 21.86 7.22 -8.65
C ASN C 576 22.44 7.43 -7.25
N CYS C 577 23.16 6.46 -6.70
CA CYS C 577 23.61 6.58 -5.32
C CYS C 577 24.64 7.70 -5.16
N PRO C 578 24.56 8.50 -4.10
CA PRO C 578 25.47 9.63 -3.97
C PRO C 578 26.89 9.20 -3.64
N LYS C 579 27.78 10.18 -3.66
CA LYS C 579 29.18 9.93 -3.32
C LYS C 579 29.34 9.58 -1.85
N ALA C 580 28.49 10.13 -0.98
CA ALA C 580 28.61 9.85 0.45
C ALA C 580 28.30 8.40 0.77
N MET C 581 27.34 7.82 0.06
CA MET C 581 27.07 6.38 0.20
C MET C 581 28.30 5.57 -0.16
N LYS C 582 29.02 6.00 -1.20
CA LYS C 582 30.19 5.26 -1.63
C LYS C 582 31.25 5.25 -0.53
N ARG C 583 31.48 6.42 0.08
CA ARG C 583 32.46 6.54 1.16
C ARG C 583 32.03 5.72 2.36
N LEU C 584 30.75 5.74 2.70
CA LEU C 584 30.27 4.95 3.84
C LEU C 584 30.49 3.47 3.60
N VAL C 585 30.15 2.98 2.41
CA VAL C 585 30.30 1.55 2.12
C VAL C 585 31.78 1.18 2.10
N ALA C 586 32.64 2.07 1.58
CA ALA C 586 34.07 1.81 1.60
C ALA C 586 34.60 1.73 3.03
N ASP C 587 34.17 2.65 3.89
CA ASP C 587 34.58 2.62 5.29
C ASP C 587 34.00 1.44 6.04
N CYS C 588 32.90 0.86 5.53
CA CYS C 588 32.37 -0.38 6.10
C CYS C 588 33.23 -1.58 5.70
N VAL C 589 33.45 -1.74 4.40
CA VAL C 589 34.13 -2.94 3.88
C VAL C 589 35.61 -2.59 3.78
N LYS C 590 36.34 -2.81 4.87
CA LYS C 590 37.78 -2.66 4.90
C LYS C 590 38.42 -3.94 5.38
N LYS C 591 39.68 -4.15 4.96
CA LYS C 591 40.40 -5.34 5.38
C LYS C 591 40.71 -5.32 6.88
N VAL C 592 41.03 -4.16 7.41
CA VAL C 592 41.53 -4.01 8.77
C VAL C 592 40.44 -3.37 9.63
N LYS C 593 40.15 -3.99 10.78
CA LYS C 593 39.07 -3.56 11.65
C LYS C 593 39.55 -3.14 13.04
N GLU C 594 40.73 -2.52 13.14
CA GLU C 594 41.16 -2.03 14.45
C GLU C 594 40.25 -0.90 14.94
N GLU C 595 39.89 0.03 14.06
CA GLU C 595 39.00 1.12 14.41
C GLU C 595 37.96 1.30 13.31
N ARG C 596 37.40 0.19 12.86
CA ARG C 596 36.28 0.21 11.94
C ARG C 596 35.12 0.97 12.59
N PRO C 597 34.52 1.97 11.89
CA PRO C 597 33.66 2.92 12.60
C PRO C 597 32.38 2.32 13.16
N LEU C 598 32.14 2.64 14.43
CA LEU C 598 31.14 1.95 15.22
C LEU C 598 29.72 2.34 14.79
N PHE C 599 28.77 1.59 15.31
CA PHE C 599 27.37 1.66 14.90
C PHE C 599 26.69 2.98 15.26
N PRO C 600 26.98 3.62 16.41
CA PRO C 600 26.39 4.95 16.62
C PRO C 600 26.74 5.94 15.51
N GLN C 601 28.01 6.06 15.16
CA GLN C 601 28.38 7.02 14.12
C GLN C 601 27.94 6.54 12.75
N ILE C 602 27.83 5.24 12.52
CA ILE C 602 27.32 4.79 11.23
C ILE C 602 25.85 5.12 11.08
N LEU C 603 25.08 5.01 12.17
CA LEU C 603 23.68 5.43 12.13
C LEU C 603 23.57 6.93 11.94
N SER C 604 24.45 7.70 12.60
CA SER C 604 24.44 9.15 12.39
C SER C 604 24.71 9.50 10.93
N SER C 605 25.70 8.84 10.33
CA SER C 605 26.02 9.11 8.92
C SER C 605 24.88 8.72 8.00
N ILE C 606 24.26 7.56 8.24
CA ILE C 606 23.18 7.13 7.38
C ILE C 606 21.97 8.06 7.54
N GLU C 607 21.71 8.56 8.74
CA GLU C 607 20.62 9.51 8.91
C GLU C 607 20.90 10.83 8.20
N LEU C 608 22.14 11.32 8.29
CA LEU C 608 22.50 12.54 7.59
C LEU C 608 22.34 12.38 6.08
N LEU C 609 22.78 11.24 5.54
CA LEU C 609 22.68 11.02 4.10
C LEU C 609 21.23 10.83 3.67
N GLN C 610 20.42 10.16 4.48
CA GLN C 610 18.99 10.05 4.19
C GLN C 610 18.34 11.42 4.15
N HIS C 611 18.79 12.33 5.02
CA HIS C 611 18.22 13.68 5.03
C HIS C 611 18.47 14.41 3.71
N SER C 612 19.67 14.25 3.14
CA SER C 612 20.06 15.00 1.95
C SER C 612 19.59 14.36 0.65
N LEU C 613 19.04 13.15 0.68
CA LEU C 613 18.66 12.43 -0.52
C LEU C 613 17.38 13.02 -1.14
N PRO C 614 17.30 13.04 -2.46
CA PRO C 614 16.03 13.38 -3.12
C PRO C 614 15.16 12.14 -3.30
N LYS C 615 13.85 12.38 -3.19
CA LYS C 615 12.89 11.27 -3.18
C LYS C 615 12.02 11.23 -4.43
N ILE C 616 12.37 11.97 -5.48
CA ILE C 616 11.71 11.86 -6.78
C ILE C 616 12.78 11.78 -7.85
N ASN C 617 12.42 11.16 -8.98
CA ASN C 617 13.33 11.02 -10.11
C ASN C 617 13.13 12.11 -11.16
N ARG C 618 11.95 12.71 -11.24
CA ARG C 618 11.64 13.72 -12.24
C ARG C 618 10.95 14.90 -11.57
N SER C 619 11.28 16.10 -12.02
CA SER C 619 10.68 17.30 -11.44
C SER C 619 9.17 17.29 -11.61
N ALA C 620 8.47 17.57 -10.52
CA ALA C 620 7.00 17.50 -10.53
C ALA C 620 6.38 18.89 -10.43
N SEP C 621 5.47 19.17 -11.35
CA SEP C 621 4.77 20.46 -11.38
CB SEP C 621 4.33 20.78 -12.80
OG SEP C 621 3.51 19.75 -13.32
C SEP C 621 3.57 20.45 -10.44
O SEP C 621 3.50 19.64 -9.54
P SEP C 621 3.40 19.88 -14.91
O1P SEP C 621 3.00 21.39 -15.31
O2P SEP C 621 4.82 19.50 -15.59
O3P SEP C 621 2.28 18.86 -15.45
N GLU C 622 2.65 21.38 -10.67
CA GLU C 622 1.44 21.46 -9.87
C GLU C 622 0.51 20.28 -10.17
N PRO C 623 -0.04 19.67 -9.13
CA PRO C 623 -0.97 18.55 -9.33
C PRO C 623 -2.31 19.04 -9.86
N SER C 624 -3.12 18.07 -10.29
CA SER C 624 -4.44 18.39 -10.83
C SER C 624 -5.29 19.09 -9.76
N LEU C 625 -5.92 20.19 -10.16
CA LEU C 625 -6.78 20.94 -9.25
C LEU C 625 -8.09 20.21 -9.05
N HIS C 626 -8.57 20.17 -7.80
CA HIS C 626 -9.81 19.42 -7.50
C HIS C 626 -9.73 18.02 -8.12
N VAL D 3 -28.82 30.59 -20.17
CA VAL D 3 -29.78 29.67 -19.57
C VAL D 3 -29.22 28.24 -19.59
N ASP D 4 -28.42 27.94 -20.61
CA ASP D 4 -27.83 26.61 -20.75
C ASP D 4 -26.54 26.43 -19.96
N LYS D 5 -26.05 27.48 -19.30
CA LYS D 5 -24.74 27.40 -18.65
C LYS D 5 -24.74 26.35 -17.53
N GLU D 6 -25.81 26.30 -16.74
CA GLU D 6 -25.90 25.26 -15.71
C GLU D 6 -25.95 23.87 -16.33
N GLU D 7 -26.65 23.72 -17.46
CA GLU D 7 -26.69 22.42 -18.13
C GLU D 7 -25.31 21.98 -18.58
N LEU D 8 -24.54 22.89 -19.19
CA LEU D 8 -23.21 22.52 -19.65
C LEU D 8 -22.28 22.20 -18.48
N VAL D 9 -22.35 22.97 -17.39
CA VAL D 9 -21.49 22.68 -16.25
C VAL D 9 -21.90 21.35 -15.61
N GLN D 10 -23.20 21.04 -15.62
CA GLN D 10 -23.69 19.78 -15.09
C GLN D 10 -23.18 18.60 -15.92
N ARG D 11 -23.23 18.73 -17.25
CA ARG D 11 -22.71 17.69 -18.11
C ARG D 11 -21.20 17.53 -17.90
N ALA D 12 -20.49 18.63 -17.70
CA ALA D 12 -19.06 18.55 -17.43
C ALA D 12 -18.78 17.79 -16.13
N LYS D 13 -19.55 18.08 -15.08
CA LYS D 13 -19.37 17.35 -13.82
C LYS D 13 -19.67 15.87 -13.99
N LEU D 14 -20.73 15.54 -14.74
CA LEU D 14 -21.07 14.14 -14.98
C LEU D 14 -19.94 13.44 -15.73
N ALA D 15 -19.38 14.10 -16.74
CA ALA D 15 -18.29 13.50 -17.51
C ALA D 15 -17.04 13.35 -16.67
N GLU D 16 -16.78 14.27 -15.75
CA GLU D 16 -15.67 14.10 -14.82
C GLU D 16 -15.89 12.88 -13.94
N GLN D 17 -17.10 12.72 -13.41
CA GLN D 17 -17.38 11.57 -12.56
C GLN D 17 -17.33 10.26 -13.33
N ALA D 18 -17.62 10.30 -14.64
CA ALA D 18 -17.66 9.10 -15.46
C ALA D 18 -16.31 8.74 -16.07
N GLU D 19 -15.24 9.45 -15.72
CA GLU D 19 -13.87 9.18 -16.17
C GLU D 19 -13.69 9.43 -17.66
N ARG D 20 -14.62 10.13 -18.30
CA ARG D 20 -14.49 10.50 -19.71
C ARG D 20 -14.19 12.00 -19.76
N TYR D 21 -12.91 12.33 -19.86
CA TYR D 21 -12.48 13.72 -19.78
C TYR D 21 -12.75 14.51 -21.05
N ASP D 22 -12.80 13.85 -22.21
CA ASP D 22 -12.99 14.55 -23.47
C ASP D 22 -14.34 15.26 -23.51
N ASP D 23 -15.40 14.59 -23.05
CA ASP D 23 -16.72 15.19 -23.06
C ASP D 23 -16.77 16.40 -22.12
N MET D 24 -16.16 16.29 -20.94
CA MET D 24 -16.15 17.41 -20.02
C MET D 24 -15.34 18.58 -20.60
N ALA D 25 -14.24 18.27 -21.29
CA ALA D 25 -13.47 19.32 -21.94
C ALA D 25 -14.30 20.03 -23.01
N ALA D 26 -15.04 19.26 -23.80
CA ALA D 26 -15.89 19.87 -24.83
C ALA D 26 -16.98 20.74 -24.21
N ALA D 27 -17.62 20.25 -23.15
CA ALA D 27 -18.63 21.05 -22.47
C ALA D 27 -18.03 22.32 -21.90
N MET D 28 -16.82 22.21 -21.33
CA MET D 28 -16.12 23.37 -20.80
C MET D 28 -15.88 24.39 -21.91
N LYS D 29 -15.45 23.90 -23.08
CA LYS D 29 -15.21 24.76 -24.22
C LYS D 29 -16.47 25.51 -24.62
N GLU D 30 -17.60 24.80 -24.69
CA GLU D 30 -18.86 25.46 -25.03
C GLU D 30 -19.25 26.50 -23.98
N VAL D 31 -19.05 26.18 -22.70
CA VAL D 31 -19.52 27.07 -21.65
C VAL D 31 -18.72 28.37 -21.66
N THR D 32 -17.43 28.31 -21.99
CA THR D 32 -16.68 29.55 -22.13
C THR D 32 -16.98 30.26 -23.45
N GLU D 33 -17.10 29.51 -24.55
CA GLU D 33 -17.42 30.13 -25.84
C GLU D 33 -18.78 30.82 -25.82
N THR D 34 -19.63 30.49 -24.84
CA THR D 34 -20.89 31.22 -24.68
C THR D 34 -20.63 32.72 -24.53
N GLY D 35 -19.71 33.10 -23.65
CA GLY D 35 -19.31 34.49 -23.56
C GLY D 35 -19.76 35.27 -22.34
N VAL D 36 -19.72 34.65 -21.16
CA VAL D 36 -19.94 35.37 -19.91
C VAL D 36 -18.76 35.08 -18.98
N GLU D 37 -18.70 35.85 -17.89
CA GLU D 37 -17.62 35.70 -16.93
C GLU D 37 -17.73 34.37 -16.19
N LEU D 38 -16.59 33.71 -16.01
CA LEU D 38 -16.55 32.40 -15.36
C LEU D 38 -16.25 32.53 -13.88
N SER D 39 -16.75 31.58 -13.10
CA SER D 39 -16.51 31.53 -11.68
C SER D 39 -15.41 30.52 -11.37
N ASN D 40 -15.05 30.42 -10.09
CA ASN D 40 -13.94 29.57 -9.68
C ASN D 40 -14.22 28.10 -9.98
N GLU D 41 -15.45 27.65 -9.75
CA GLU D 41 -15.77 26.24 -9.94
C GLU D 41 -15.61 25.83 -11.40
N GLU D 42 -16.24 26.57 -12.32
CA GLU D 42 -16.14 26.22 -13.74
C GLU D 42 -14.72 26.45 -14.25
N ARG D 43 -14.02 27.45 -13.72
CA ARG D 43 -12.62 27.67 -14.10
C ARG D 43 -11.76 26.47 -13.73
N ASN D 44 -11.93 25.96 -12.50
CA ASN D 44 -11.17 24.78 -12.08
C ASN D 44 -11.60 23.54 -12.85
N LEU D 45 -12.87 23.43 -13.22
CA LEU D 45 -13.32 22.31 -14.03
C LEU D 45 -12.64 22.33 -15.40
N LEU D 46 -12.58 23.50 -16.03
CA LEU D 46 -11.82 23.63 -17.27
C LEU D 46 -10.36 23.23 -17.08
N SER D 47 -9.73 23.74 -16.03
CA SER D 47 -8.31 23.48 -15.82
C SER D 47 -8.07 21.99 -15.65
N VAL D 48 -8.88 21.32 -14.83
CA VAL D 48 -8.65 19.91 -14.56
C VAL D 48 -8.96 19.06 -15.81
N ALA D 49 -9.98 19.41 -16.57
CA ALA D 49 -10.29 18.65 -17.77
C ALA D 49 -9.15 18.73 -18.79
N TYR D 50 -8.74 19.95 -19.12
CA TYR D 50 -7.68 20.11 -20.12
C TYR D 50 -6.37 19.53 -19.61
N LYS D 51 -6.07 19.70 -18.31
CA LYS D 51 -4.86 19.12 -17.75
C LYS D 51 -4.89 17.60 -17.85
N ASN D 52 -6.03 16.97 -17.57
CA ASN D 52 -6.11 15.52 -17.63
C ASN D 52 -5.87 15.01 -19.04
N VAL D 53 -6.55 15.59 -20.03
CA VAL D 53 -6.38 15.09 -21.39
C VAL D 53 -4.95 15.32 -21.89
N VAL D 54 -4.40 16.52 -21.64
CA VAL D 54 -3.05 16.80 -22.10
C VAL D 54 -2.04 15.92 -21.37
N GLY D 55 -2.28 15.64 -20.09
CA GLY D 55 -1.37 14.78 -19.35
C GLY D 55 -1.38 13.34 -19.84
N ALA D 56 -2.55 12.83 -20.18
CA ALA D 56 -2.61 11.49 -20.77
C ALA D 56 -1.84 11.44 -22.08
N ARG D 57 -2.05 12.43 -22.94
CA ARG D 57 -1.31 12.48 -24.20
C ARG D 57 0.19 12.58 -23.96
N ARG D 58 0.60 13.38 -22.99
CA ARG D 58 2.03 13.57 -22.73
C ARG D 58 2.67 12.32 -22.16
N SER D 59 1.98 11.61 -21.26
CA SER D 59 2.53 10.36 -20.76
C SER D 59 2.68 9.33 -21.88
N SER D 60 1.68 9.26 -22.77
CA SER D 60 1.81 8.36 -23.92
C SER D 60 3.00 8.74 -24.78
N TRP D 61 3.20 10.04 -25.02
CA TRP D 61 4.33 10.48 -25.83
C TRP D 61 5.66 10.14 -25.15
N ARG D 62 5.73 10.30 -23.83
CA ARG D 62 6.96 9.97 -23.11
C ARG D 62 7.30 8.50 -23.26
N VAL D 63 6.31 7.62 -23.09
CA VAL D 63 6.58 6.19 -23.23
C VAL D 63 6.95 5.86 -24.68
N ILE D 64 6.30 6.51 -25.64
CA ILE D 64 6.62 6.27 -27.05
C ILE D 64 8.07 6.64 -27.34
N SER D 65 8.50 7.80 -26.85
CA SER D 65 9.89 8.23 -27.06
C SER D 65 10.87 7.29 -26.37
N SER D 66 10.53 6.84 -25.16
CA SER D 66 11.41 5.92 -24.45
C SER D 66 11.59 4.62 -25.22
N ILE D 67 10.50 4.09 -25.77
CA ILE D 67 10.62 2.88 -26.60
C ILE D 67 11.40 3.18 -27.88
N GLU D 68 11.18 4.35 -28.46
CA GLU D 68 11.88 4.71 -29.69
C GLU D 68 13.38 4.81 -29.49
N GLN D 69 13.82 5.23 -28.31
CA GLN D 69 15.25 5.41 -28.05
C GLN D 69 16.04 4.14 -28.34
N LYS D 70 15.51 2.99 -27.92
CA LYS D 70 16.18 1.73 -28.19
C LYS D 70 16.04 1.34 -29.66
N THR D 71 16.99 0.54 -30.13
CA THR D 71 16.99 0.09 -31.51
C THR D 71 16.05 -1.11 -31.69
N GLU D 75 14.67 -3.48 -37.85
CA GLU D 75 15.12 -2.09 -37.87
C GLU D 75 13.96 -1.15 -38.20
N ARG D 76 12.91 -1.72 -38.80
CA ARG D 76 11.73 -0.93 -39.12
C ARG D 76 10.99 -0.46 -37.86
N LYS D 77 11.28 -1.06 -36.71
CA LYS D 77 10.68 -0.61 -35.46
C LYS D 77 11.04 0.84 -35.17
N GLN D 78 12.25 1.26 -35.56
CA GLN D 78 12.66 2.63 -35.31
C GLN D 78 11.76 3.62 -36.03
N GLN D 79 11.58 3.42 -37.35
CA GLN D 79 10.73 4.33 -38.10
C GLN D 79 9.26 4.20 -37.70
N MET D 80 8.82 2.98 -37.34
CA MET D 80 7.44 2.83 -36.86
C MET D 80 7.21 3.64 -35.60
N ALA D 81 8.14 3.57 -34.65
CA ALA D 81 8.05 4.38 -33.44
C ALA D 81 8.12 5.86 -33.78
N LYS D 82 8.91 6.23 -34.80
CA LYS D 82 8.95 7.62 -35.23
C LYS D 82 7.57 8.11 -35.69
N GLU D 83 6.90 7.32 -36.53
CA GLU D 83 5.58 7.71 -36.99
C GLU D 83 4.58 7.77 -35.84
N TYR D 84 4.67 6.82 -34.91
CA TYR D 84 3.78 6.86 -33.75
C TYR D 84 4.01 8.12 -32.93
N ARG D 85 5.28 8.49 -32.72
CA ARG D 85 5.58 9.72 -31.99
C ARG D 85 5.05 10.93 -32.73
N VAL D 86 5.14 10.94 -34.06
CA VAL D 86 4.61 12.06 -34.83
C VAL D 86 3.10 12.15 -34.67
N LYS D 87 2.39 11.02 -34.66
CA LYS D 87 0.95 11.04 -34.46
C LYS D 87 0.58 11.59 -33.10
N VAL D 88 1.27 11.12 -32.04
CA VAL D 88 1.00 11.63 -30.71
C VAL D 88 1.33 13.12 -30.63
N GLU D 89 2.40 13.54 -31.33
CA GLU D 89 2.74 14.96 -31.39
C GLU D 89 1.64 15.76 -32.05
N LYS D 90 1.04 15.22 -33.12
CA LYS D 90 -0.05 15.91 -33.79
C LYS D 90 -1.22 16.11 -32.83
N GLU D 91 -1.58 15.06 -32.10
CA GLU D 91 -2.69 15.18 -31.15
C GLU D 91 -2.36 16.20 -30.05
N LEU D 92 -1.14 16.15 -29.51
CA LEU D 92 -0.75 17.07 -28.45
C LEU D 92 -0.76 18.51 -28.94
N ARG D 93 -0.24 18.75 -30.15
CA ARG D 93 -0.25 20.09 -30.70
C ARG D 93 -1.66 20.58 -30.92
N GLU D 94 -2.55 19.69 -31.40
CA GLU D 94 -3.93 20.09 -31.63
C GLU D 94 -4.58 20.55 -30.33
N ILE D 95 -4.45 19.76 -29.27
CA ILE D 95 -5.13 20.12 -28.02
C ILE D 95 -4.49 21.38 -27.41
N CYS D 96 -3.16 21.48 -27.47
CA CYS D 96 -2.50 22.66 -26.91
C CYS D 96 -2.88 23.93 -27.65
N TYR D 97 -2.89 23.89 -28.99
CA TYR D 97 -3.29 25.08 -29.74
C TYR D 97 -4.75 25.41 -29.52
N ASP D 98 -5.60 24.39 -29.36
CA ASP D 98 -7.00 24.65 -29.04
C ASP D 98 -7.12 25.44 -27.75
N VAL D 99 -6.48 24.97 -26.68
CA VAL D 99 -6.64 25.64 -25.39
C VAL D 99 -5.97 27.03 -25.42
N LEU D 100 -4.84 27.15 -26.12
CA LEU D 100 -4.18 28.46 -26.21
C LEU D 100 -5.05 29.48 -26.96
N GLY D 101 -5.63 29.07 -28.09
CA GLY D 101 -6.52 29.98 -28.80
C GLY D 101 -7.73 30.36 -27.98
N LEU D 102 -8.31 29.40 -27.26
CA LEU D 102 -9.45 29.70 -26.41
C LEU D 102 -9.05 30.70 -25.32
N LEU D 103 -7.88 30.51 -24.71
CA LEU D 103 -7.41 31.43 -23.69
C LEU D 103 -7.18 32.83 -24.25
N ASP D 104 -6.59 32.91 -25.44
CA ASP D 104 -6.29 34.21 -26.04
C ASP D 104 -7.56 34.96 -26.40
N LYS D 105 -8.55 34.27 -26.97
CA LYS D 105 -9.69 34.99 -27.55
C LYS D 105 -10.76 35.36 -26.54
N HIS D 106 -11.18 34.43 -25.67
CA HIS D 106 -12.36 34.64 -24.85
C HIS D 106 -12.05 34.86 -23.38
N LEU D 107 -10.90 34.40 -22.90
CA LEU D 107 -10.67 34.30 -21.45
C LEU D 107 -9.83 35.47 -20.93
N ILE D 108 -8.55 35.51 -21.30
CA ILE D 108 -7.66 36.54 -20.71
C ILE D 108 -8.24 37.94 -20.95
N PRO D 109 -8.68 38.31 -22.17
CA PRO D 109 -9.14 39.67 -22.45
C PRO D 109 -10.32 40.06 -21.56
N LYS D 110 -11.28 39.15 -21.36
CA LYS D 110 -12.50 39.50 -20.58
C LYS D 110 -12.23 39.33 -19.08
N ALA D 111 -11.07 38.78 -18.70
CA ALA D 111 -10.79 38.54 -17.28
C ALA D 111 -10.87 39.88 -16.53
N SER D 112 -11.54 39.91 -15.37
CA SER D 112 -11.76 41.20 -14.66
C SER D 112 -10.86 41.34 -13.43
N ASN D 113 -10.77 40.31 -12.59
CA ASN D 113 -9.99 40.45 -11.33
C ASN D 113 -8.56 39.93 -11.50
N PRO D 114 -7.57 40.52 -10.80
CA PRO D 114 -6.18 40.03 -10.85
C PRO D 114 -6.02 38.53 -10.60
N GLU D 115 -6.83 37.96 -9.71
CA GLU D 115 -6.77 36.52 -9.46
C GLU D 115 -7.04 35.74 -10.74
N SER D 116 -8.10 36.13 -11.46
CA SER D 116 -8.39 35.51 -12.73
C SER D 116 -7.28 35.74 -13.74
N LYS D 117 -6.76 36.97 -13.79
CA LYS D 117 -5.71 37.28 -14.76
C LYS D 117 -4.47 36.41 -14.54
N VAL D 118 -4.04 36.28 -13.29
CA VAL D 118 -2.86 35.49 -13.01
C VAL D 118 -3.12 34.01 -13.28
N PHE D 119 -4.34 33.53 -12.99
CA PHE D 119 -4.64 32.13 -13.30
C PHE D 119 -4.61 31.87 -14.81
N TYR D 120 -5.23 32.74 -15.61
CA TYR D 120 -5.27 32.48 -17.05
C TYR D 120 -3.88 32.62 -17.67
N LEU D 121 -3.11 33.61 -17.22
CA LEU D 121 -1.75 33.76 -17.74
C LEU D 121 -0.89 32.56 -17.37
N LYS D 122 -1.06 32.04 -16.14
CA LYS D 122 -0.34 30.84 -15.74
C LYS D 122 -0.73 29.65 -16.60
N MET D 123 -2.02 29.51 -16.91
CA MET D 123 -2.45 28.40 -17.77
C MET D 123 -1.86 28.53 -19.17
N LYS D 124 -1.82 29.76 -19.71
CA LYS D 124 -1.23 29.98 -21.03
C LYS D 124 0.25 29.63 -21.04
N GLY D 125 0.98 30.07 -20.01
CA GLY D 125 2.38 29.71 -19.91
C GLY D 125 2.57 28.21 -19.76
N ASP D 126 1.70 27.56 -19.00
CA ASP D 126 1.76 26.11 -18.87
C ASP D 126 1.66 25.45 -20.23
N TYR D 127 0.61 25.75 -20.99
CA TYR D 127 0.38 25.02 -22.22
C TYR D 127 1.43 25.36 -23.27
N TYR D 128 1.97 26.57 -23.23
CA TYR D 128 3.13 26.86 -24.07
C TYR D 128 4.33 26.02 -23.66
N ARG D 129 4.48 25.76 -22.35
CA ARG D 129 5.54 24.86 -21.90
C ARG D 129 5.31 23.44 -22.40
N TYR D 130 4.06 22.96 -22.36
CA TYR D 130 3.79 21.62 -22.89
C TYR D 130 4.10 21.54 -24.37
N LEU D 131 3.80 22.61 -25.12
CA LEU D 131 4.19 22.66 -26.52
C LEU D 131 5.71 22.62 -26.67
N ALA D 132 6.42 23.39 -25.84
CA ALA D 132 7.87 23.45 -25.95
C ALA D 132 8.52 22.12 -25.58
N GLU D 133 7.87 21.34 -24.73
CA GLU D 133 8.45 20.08 -24.28
C GLU D 133 8.71 19.12 -25.43
N VAL D 134 8.01 19.29 -26.55
CA VAL D 134 8.15 18.37 -27.68
C VAL D 134 8.55 19.13 -28.93
N ALA D 135 8.28 20.44 -28.97
CA ALA D 135 8.62 21.24 -30.13
C ALA D 135 10.12 21.41 -30.25
N THR D 136 10.60 21.48 -31.49
CA THR D 136 12.02 21.65 -31.78
C THR D 136 12.22 22.79 -32.77
N GLY D 137 13.36 23.46 -32.65
CA GLY D 137 13.75 24.45 -33.63
C GLY D 137 13.13 25.84 -33.39
N GLU D 138 12.78 26.49 -34.49
CA GLU D 138 12.23 27.84 -34.42
C GLU D 138 10.90 27.85 -33.69
N THR D 139 10.07 26.83 -33.93
CA THR D 139 8.82 26.71 -33.18
C THR D 139 9.08 26.56 -31.70
N ARG D 140 10.09 25.77 -31.33
CA ARG D 140 10.46 25.63 -29.92
C ARG D 140 10.87 26.98 -29.33
N ASN D 141 11.69 27.73 -30.06
CA ASN D 141 12.11 29.04 -29.56
C ASN D 141 10.92 29.97 -29.38
N SER D 142 10.00 29.98 -30.35
CA SER D 142 8.85 30.86 -30.26
C SER D 142 7.97 30.50 -29.07
N VAL D 143 7.67 29.21 -28.88
CA VAL D 143 6.81 28.81 -27.79
C VAL D 143 7.50 29.04 -26.45
N VAL D 144 8.82 28.92 -26.41
CA VAL D 144 9.57 29.24 -25.20
C VAL D 144 9.42 30.72 -24.87
N GLU D 145 9.54 31.58 -25.87
CA GLU D 145 9.39 33.02 -25.64
C GLU D 145 7.99 33.34 -25.14
N ASP D 146 6.96 32.74 -25.76
CA ASP D 146 5.60 32.97 -25.30
C ASP D 146 5.40 32.47 -23.87
N SER D 147 5.96 31.30 -23.55
CA SER D 147 5.84 30.76 -22.20
C SER D 147 6.45 31.72 -21.19
N GLN D 148 7.67 32.18 -21.45
CA GLN D 148 8.34 33.07 -20.51
C GLN D 148 7.59 34.39 -20.36
N LYS D 149 7.12 34.96 -21.47
CA LYS D 149 6.38 36.21 -21.39
C LYS D 149 5.09 36.05 -20.58
N ALA D 150 4.33 34.99 -20.87
CA ALA D 150 3.06 34.76 -20.18
C ALA D 150 3.30 34.53 -18.70
N TYR D 151 4.16 33.78 -18.25
CA TYR D 151 4.37 33.61 -16.79
C TYR D 151 4.85 34.92 -16.19
N GLN D 152 5.92 35.57 -16.90
CA GLN D 152 6.42 36.78 -16.27
C GLN D 152 5.31 37.78 -16.00
N ASP D 153 4.37 37.94 -16.93
CA ASP D 153 3.27 38.88 -16.70
C ASP D 153 2.44 38.47 -15.48
N ALA D 154 2.10 37.18 -15.39
CA ALA D 154 1.36 36.70 -14.24
C ALA D 154 2.17 36.89 -12.95
N PHE D 155 3.48 36.70 -13.03
CA PHE D 155 4.34 36.92 -11.88
C PHE D 155 4.27 38.38 -11.42
N GLU D 156 4.28 39.32 -12.38
CA GLU D 156 4.16 40.73 -12.04
C GLU D 156 2.83 41.01 -11.33
N ILE D 157 1.72 40.51 -11.88
CA ILE D 157 0.43 40.76 -11.24
C ILE D 157 0.39 40.12 -9.85
N SER D 158 0.98 38.93 -9.70
CA SER D 158 0.98 38.26 -8.40
C SER D 158 1.75 39.08 -7.37
N LYS D 159 2.96 39.52 -7.73
CA LYS D 159 3.74 40.36 -6.82
C LYS D 159 3.03 41.67 -6.51
N ALA D 160 2.31 42.22 -7.49
CA ALA D 160 1.67 43.53 -7.29
C ALA D 160 0.48 43.43 -6.34
N LYS D 161 -0.37 42.41 -6.50
CA LYS D 161 -1.61 42.39 -5.74
C LYS D 161 -1.86 41.09 -4.99
N MET D 162 -1.53 39.95 -5.61
CA MET D 162 -2.06 38.67 -5.15
C MET D 162 -1.30 38.21 -3.91
N GLN D 163 -2.02 37.57 -2.99
CA GLN D 163 -1.52 37.33 -1.65
C GLN D 163 -0.30 36.41 -1.67
N PRO D 164 0.64 36.59 -0.74
CA PRO D 164 1.87 35.79 -0.79
C PRO D 164 1.79 34.37 -0.22
N THR D 165 0.78 34.04 0.58
CA THR D 165 0.55 32.67 0.99
C THR D 165 -0.35 31.91 0.02
N HIS D 166 -0.88 32.59 -0.99
CA HIS D 166 -1.96 32.08 -1.83
C HIS D 166 -1.53 30.85 -2.65
N PRO D 167 -2.39 29.83 -2.72
CA PRO D 167 -2.03 28.63 -3.49
C PRO D 167 -1.73 28.89 -4.96
N ILE D 168 -2.41 29.85 -5.58
CA ILE D 168 -2.13 30.12 -6.99
C ILE D 168 -0.77 30.77 -7.16
N ARG D 169 -0.38 31.66 -6.24
CA ARG D 169 0.96 32.23 -6.30
C ARG D 169 2.01 31.14 -6.11
N LEU D 170 1.79 30.25 -5.16
CA LEU D 170 2.75 29.17 -4.94
C LEU D 170 2.84 28.25 -6.15
N GLY D 171 1.70 27.93 -6.77
CA GLY D 171 1.70 27.10 -7.96
C GLY D 171 2.36 27.78 -9.13
N LEU D 172 2.17 29.10 -9.27
CA LEU D 172 2.87 29.85 -10.30
C LEU D 172 4.37 29.77 -10.09
N ALA D 173 4.81 29.93 -8.85
CA ALA D 173 6.24 29.81 -8.57
C ALA D 173 6.77 28.42 -8.90
N LEU D 174 6.00 27.38 -8.53
CA LEU D 174 6.41 26.01 -8.82
C LEU D 174 6.53 25.77 -10.31
N ASN D 175 5.53 26.19 -11.08
CA ASN D 175 5.54 25.96 -12.52
C ASN D 175 6.62 26.81 -13.20
N PHE D 176 6.80 28.05 -12.75
CA PHE D 176 7.86 28.89 -13.31
C PHE D 176 9.22 28.25 -13.07
N SER D 177 9.44 27.72 -11.86
CA SER D 177 10.72 27.07 -11.56
C SER D 177 10.92 25.81 -12.39
N VAL D 178 9.88 25.00 -12.54
CA VAL D 178 10.06 23.77 -13.31
C VAL D 178 10.28 24.09 -14.79
N PHE D 179 9.64 25.15 -15.30
CA PHE D 179 9.93 25.61 -16.65
C PHE D 179 11.40 26.03 -16.77
N TYR D 180 11.86 26.85 -15.82
CA TYR D 180 13.25 27.31 -15.84
C TYR D 180 14.22 26.13 -15.85
N TYR D 181 13.93 25.11 -15.05
CA TYR D 181 14.85 23.99 -14.94
C TYR D 181 14.81 23.10 -16.18
N GLU D 182 13.61 22.73 -16.63
CA GLU D 182 13.49 21.71 -17.66
C GLU D 182 13.71 22.28 -19.06
N ILE D 183 13.10 23.42 -19.38
CA ILE D 183 13.09 23.90 -20.74
C ILE D 183 14.27 24.84 -20.99
N LEU D 184 14.37 25.90 -20.18
CA LEU D 184 15.42 26.88 -20.39
C LEU D 184 16.80 26.35 -20.03
N ASN D 185 16.89 25.20 -19.38
CA ASN D 185 18.17 24.56 -19.05
C ASN D 185 19.07 25.49 -18.23
N SER D 186 18.46 26.29 -17.37
CA SER D 186 19.18 27.22 -16.50
C SER D 186 18.73 26.96 -15.07
N PRO D 187 19.28 25.93 -14.43
CA PRO D 187 18.79 25.55 -13.10
C PRO D 187 19.01 26.62 -12.03
N ASP D 188 19.92 27.55 -12.24
CA ASP D 188 20.20 28.56 -11.21
C ASP D 188 18.98 29.44 -10.96
N LYS D 189 18.35 29.92 -12.03
CA LYS D 189 17.16 30.75 -11.88
C LYS D 189 16.02 29.97 -11.25
N ALA D 190 15.85 28.70 -11.64
CA ALA D 190 14.81 27.87 -11.05
C ALA D 190 15.02 27.71 -9.55
N CYS D 191 16.24 27.38 -9.15
CA CYS D 191 16.53 27.22 -7.73
C CYS D 191 16.31 28.52 -6.97
N GLN D 192 16.75 29.64 -7.55
CA GLN D 192 16.55 30.93 -6.89
C GLN D 192 15.06 31.21 -6.69
N LEU D 193 14.28 31.04 -7.76
CA LEU D 193 12.85 31.37 -7.70
C LEU D 193 12.12 30.49 -6.69
N ALA D 194 12.42 29.19 -6.70
CA ALA D 194 11.85 28.30 -5.70
C ALA D 194 12.24 28.74 -4.29
N LYS D 195 13.49 29.17 -4.11
CA LYS D 195 13.94 29.57 -2.77
C LYS D 195 13.22 30.82 -2.28
N GLN D 196 13.09 31.86 -3.12
CA GLN D 196 12.38 33.05 -2.65
C GLN D 196 10.90 32.76 -2.41
N ALA D 197 10.27 31.96 -3.29
CA ALA D 197 8.88 31.62 -3.05
C ALA D 197 8.71 30.88 -1.72
N PHE D 198 9.60 29.92 -1.47
CA PHE D 198 9.57 29.18 -0.21
C PHE D 198 9.75 30.12 0.97
N ASP D 199 10.70 31.05 0.87
CA ASP D 199 10.98 31.94 1.99
C ASP D 199 9.80 32.86 2.28
N ASP D 200 9.18 33.43 1.24
CA ASP D 200 8.02 34.29 1.46
C ASP D 200 6.86 33.51 2.06
N ALA D 201 6.64 32.29 1.56
CA ALA D 201 5.54 31.48 2.10
C ALA D 201 5.78 31.13 3.56
N ILE D 202 7.01 30.79 3.92
CA ILE D 202 7.32 30.51 5.32
C ILE D 202 7.18 31.77 6.17
N ALA D 203 7.55 32.92 5.60
CA ALA D 203 7.42 34.18 6.34
C ALA D 203 5.97 34.46 6.69
N GLU D 204 5.05 34.23 5.76
CA GLU D 204 3.64 34.46 6.04
C GLU D 204 2.87 33.18 6.33
N LEU D 205 3.57 32.12 6.76
CA LEU D 205 2.89 30.85 7.02
C LEU D 205 2.08 30.89 8.31
N ASP D 206 2.49 31.72 9.28
CA ASP D 206 1.88 31.67 10.61
C ASP D 206 0.41 32.05 10.58
N THR D 207 0.06 33.09 9.82
CA THR D 207 -1.31 33.61 9.82
C THR D 207 -2.28 32.78 9.00
N LEU D 208 -1.86 31.61 8.52
CA LEU D 208 -2.71 30.80 7.65
C LEU D 208 -3.80 30.12 8.46
N ASN D 209 -4.97 29.98 7.83
CA ASN D 209 -6.05 29.20 8.41
C ASN D 209 -5.81 27.71 8.20
N GLU D 210 -6.69 26.88 8.76
CA GLU D 210 -6.51 25.44 8.66
C GLU D 210 -6.62 24.96 7.22
N ASP D 211 -7.71 25.34 6.54
CA ASP D 211 -7.92 24.87 5.17
C ASP D 211 -6.87 25.45 4.22
N SER D 212 -6.55 26.74 4.37
CA SER D 212 -5.56 27.37 3.52
C SER D 212 -4.18 26.76 3.74
N TYR D 213 -3.84 26.49 4.99
CA TYR D 213 -2.61 25.76 5.29
C TYR D 213 -2.62 24.41 4.59
N LYS D 214 -3.75 23.72 4.63
CA LYS D 214 -3.83 22.37 4.08
C LYS D 214 -3.64 22.35 2.57
N ASP D 215 -4.18 23.33 1.83
CA ASP D 215 -3.94 23.23 0.40
C ASP D 215 -2.57 23.80 0.03
N SER D 216 -2.13 24.85 0.73
CA SER D 216 -0.85 25.45 0.42
C SER D 216 0.31 24.49 0.65
N THR D 217 0.24 23.67 1.71
CA THR D 217 1.38 22.83 2.06
C THR D 217 1.72 21.83 0.98
N LEU D 218 0.75 21.45 0.14
CA LEU D 218 1.03 20.49 -0.92
C LEU D 218 1.98 21.08 -1.96
N ILE D 219 1.66 22.29 -2.44
CA ILE D 219 2.56 22.97 -3.37
C ILE D 219 3.89 23.28 -2.68
N MET D 220 3.86 23.59 -1.39
CA MET D 220 5.10 23.79 -0.65
C MET D 220 5.97 22.55 -0.69
N GLN D 221 5.37 21.38 -0.46
CA GLN D 221 6.11 20.13 -0.45
C GLN D 221 6.67 19.82 -1.83
N LEU D 222 5.90 20.09 -2.88
CA LEU D 222 6.41 19.89 -4.23
C LEU D 222 7.57 20.82 -4.54
N LEU D 223 7.49 22.08 -4.08
CA LEU D 223 8.63 22.97 -4.20
C LEU D 223 9.86 22.40 -3.50
N ARG D 224 9.68 21.88 -2.29
CA ARG D 224 10.80 21.31 -1.55
C ARG D 224 11.40 20.12 -2.30
N ASP D 225 10.54 19.23 -2.83
CA ASP D 225 11.04 18.06 -3.54
C ASP D 225 11.81 18.46 -4.80
N ASN D 226 11.27 19.39 -5.58
CA ASN D 226 11.99 19.84 -6.77
C ASN D 226 13.30 20.53 -6.41
N LEU D 227 13.29 21.33 -5.34
CA LEU D 227 14.52 22.00 -4.92
C LEU D 227 15.57 20.98 -4.51
N THR D 228 15.16 19.94 -3.77
CA THR D 228 16.10 18.90 -3.38
C THR D 228 16.64 18.16 -4.60
N LEU D 229 15.76 17.86 -5.57
CA LEU D 229 16.20 17.16 -6.77
C LEU D 229 17.20 17.99 -7.56
N TRP D 230 16.96 19.31 -7.65
CA TRP D 230 17.86 20.17 -8.41
C TRP D 230 19.18 20.39 -7.68
N THR D 231 19.14 20.54 -6.36
CA THR D 231 20.36 20.76 -5.59
C THR D 231 21.22 19.51 -5.56
N SER D 232 20.60 18.33 -5.45
CA SER D 232 21.33 17.09 -5.45
C SER D 232 22.04 16.87 -6.78
N ASP D 233 23.12 16.10 -6.73
CA ASP D 233 23.92 15.80 -7.91
C ASP D 233 23.12 14.97 -8.92
#